data_3CLZ
#
_entry.id   3CLZ
#
_cell.length_a   76.198
_cell.length_b   111.359
_cell.length_c   97.403
_cell.angle_alpha   90.00
_cell.angle_beta   90.53
_cell.angle_gamma   90.00
#
_symmetry.space_group_name_H-M   'P 1 21 1'
#
loop_
_entity.id
_entity.type
_entity.pdbx_description
1 polymer 'E3 ubiquitin-protein ligase UHRF1'
2 polymer "5'-D(*DGP*DGP*DGP*DCP*DCP*(5CM)P*DGP*DCP*DAP*DGP*DGP*DG)-3'"
3 polymer "5'-D(*DCP*DCP*DCP*DTP*DGP*DCP*DGP*DGP*DGP*DCP*DCP*DC)-3'"
4 water water
#
loop_
_entity_poly.entity_id
_entity_poly.type
_entity_poly.pdbx_seq_one_letter_code
_entity_poly.pdbx_strand_id
1 'polypeptide(L)'
;MPSNHYGPIPGIPVGTMWRFRVQVSESGVHRPHVAGIHGRSNDGAYSLVLAGGYEDDVDHGNFFTYTGSGGRDLSGNKRT
AEQSCDQKLTNTNRALALNCFAPINDQEGAEAKDWRSGKPVRVVRNVKGGKNSKYAPAEGNRYDGIYKVVKYWPEKGKSG
FLVWRYLLRRDDDEPGPWTKEGKDRIKKLGLTMQYPEGYLEALANAHHHHHH
;
A,B,C,D
2 'polydeoxyribonucleotide' (DG)(DG)(DG)(DC)(DC)(5CM)(DG)(DC)(DA)(DG)(DG)(DG) E,G,I,K
3 'polydeoxyribonucleotide' (DC)(DC)(DC)(DT)(DG)(DC)(DG)(DG)(DG)(DC)(DC)(DC) F,H,J,L
#
loop_
_chem_comp.id
_chem_comp.type
_chem_comp.name
_chem_comp.formula
5CM DNA linking 5-METHYL-2'-DEOXY-CYTIDINE-5'-MONOPHOSPHATE 'C10 H16 N3 O7 P'
DA DNA linking 2'-DEOXYADENOSINE-5'-MONOPHOSPHATE 'C10 H14 N5 O6 P'
DC DNA linking 2'-DEOXYCYTIDINE-5'-MONOPHOSPHATE 'C9 H14 N3 O7 P'
DG DNA linking 2'-DEOXYGUANOSINE-5'-MONOPHOSPHATE 'C10 H14 N5 O7 P'
DT DNA linking THYMIDINE-5'-MONOPHOSPHATE 'C10 H15 N2 O8 P'
#
# COMPACT_ATOMS: atom_id res chain seq x y z
N ASN A 4 -30.04 -9.14 -0.50
CA ASN A 4 -30.33 -8.63 -1.88
C ASN A 4 -29.12 -8.34 -2.79
N HIS A 5 -28.28 -7.41 -2.37
CA HIS A 5 -27.16 -6.87 -3.17
C HIS A 5 -25.84 -7.71 -3.15
N TYR A 6 -25.26 -7.88 -4.32
CA TYR A 6 -23.94 -8.46 -4.51
C TYR A 6 -22.89 -7.40 -4.71
N GLY A 7 -21.73 -7.60 -4.07
CA GLY A 7 -20.60 -6.70 -4.26
C GLY A 7 -20.53 -5.70 -3.11
N PRO A 8 -19.54 -4.79 -3.15
CA PRO A 8 -19.44 -3.79 -2.08
C PRO A 8 -20.68 -2.91 -1.96
N ILE A 9 -20.88 -2.35 -0.78
CA ILE A 9 -21.91 -1.35 -0.59
C ILE A 9 -21.30 -0.02 -1.00
N PRO A 10 -21.92 0.64 -2.01
CA PRO A 10 -21.40 1.90 -2.51
C PRO A 10 -21.04 2.83 -1.37
N GLY A 11 -19.82 3.37 -1.39
CA GLY A 11 -19.38 4.37 -0.43
C GLY A 11 -19.00 3.86 0.95
N ILE A 12 -18.97 2.54 1.14
CA ILE A 12 -18.45 1.96 2.36
C ILE A 12 -17.08 1.31 2.07
N PRO A 13 -16.00 2.02 2.39
CA PRO A 13 -14.64 1.57 2.07
C PRO A 13 -14.18 0.44 2.96
N VAL A 14 -13.29 -0.39 2.43
CA VAL A 14 -12.62 -1.43 3.19
C VAL A 14 -11.93 -0.77 4.37
N GLY A 15 -12.03 -1.38 5.56
CA GLY A 15 -11.44 -0.78 6.75
C GLY A 15 -12.47 -0.13 7.64
N THR A 16 -13.70 0.04 7.14
CA THR A 16 -14.77 0.53 8.00
C THR A 16 -14.99 -0.41 9.18
N MET A 17 -15.13 0.19 10.36
CA MET A 17 -15.32 -0.56 11.60
C MET A 17 -16.57 -0.17 12.35
N TRP A 18 -17.24 -1.17 12.92
CA TRP A 18 -18.41 -1.00 13.77
C TRP A 18 -18.27 -1.87 14.98
N ARG A 19 -18.72 -1.36 16.13
CA ARG A 19 -18.58 -2.06 17.40
C ARG A 19 -19.49 -3.30 17.52
N PHE A 20 -20.74 -3.17 17.09
CA PHE A 20 -21.68 -4.29 17.20
C PHE A 20 -22.22 -4.80 15.87
N ARG A 21 -22.48 -6.12 15.83
CA ARG A 21 -23.10 -6.74 14.66
C ARG A 21 -24.35 -5.96 14.13
N VAL A 22 -25.22 -5.50 15.01
CA VAL A 22 -26.41 -4.75 14.60
C VAL A 22 -26.03 -3.55 13.69
N GLN A 23 -24.87 -2.94 13.93
CA GLN A 23 -24.46 -1.77 13.14
C GLN A 23 -23.99 -2.16 11.76
N VAL A 24 -23.34 -3.32 11.68
CA VAL A 24 -22.92 -3.85 10.41
C VAL A 24 -24.18 -4.11 9.59
N SER A 25 -25.24 -4.57 10.26
CA SER A 25 -26.50 -4.89 9.60
C SER A 25 -27.15 -3.66 9.03
N GLU A 26 -27.31 -2.60 9.82
CA GLU A 26 -27.97 -1.40 9.30
C GLU A 26 -27.15 -0.73 8.20
N SER A 27 -25.86 -1.09 8.09
CA SER A 27 -25.03 -0.57 7.00
C SER A 27 -25.33 -1.28 5.67
N GLY A 28 -25.94 -2.45 5.71
CA GLY A 28 -26.14 -3.24 4.48
C GLY A 28 -24.98 -4.21 4.23
N VAL A 29 -23.86 -3.98 4.89
CA VAL A 29 -22.68 -4.80 4.68
C VAL A 29 -22.92 -6.28 5.05
N HIS A 30 -23.56 -6.55 6.19
CA HIS A 30 -23.91 -7.92 6.56
C HIS A 30 -25.20 -7.90 7.32
N ARG A 31 -26.31 -8.07 6.59
CA ARG A 31 -27.67 -7.90 7.13
C ARG A 31 -28.09 -8.74 8.35
N PRO A 32 -27.74 -10.04 8.40
CA PRO A 32 -28.08 -10.82 9.59
C PRO A 32 -27.41 -10.30 10.87
N HIS A 33 -28.19 -10.21 11.95
CA HIS A 33 -27.70 -9.72 13.24
C HIS A 33 -26.90 -10.79 13.98
N VAL A 34 -27.10 -12.07 13.70
CA VAL A 34 -26.39 -13.13 14.43
C VAL A 34 -25.64 -14.05 13.49
N ALA A 35 -26.33 -14.56 12.49
CA ALA A 35 -25.81 -15.53 11.54
C ALA A 35 -24.51 -15.06 10.88
N GLY A 36 -23.62 -16.02 10.67
CA GLY A 36 -22.37 -15.79 9.98
C GLY A 36 -22.49 -15.55 8.48
N ILE A 37 -23.39 -16.27 7.82
CA ILE A 37 -23.56 -16.15 6.37
C ILE A 37 -24.90 -15.45 6.09
N HIS A 38 -24.89 -14.50 5.16
CA HIS A 38 -26.14 -13.98 4.61
C HIS A 38 -26.31 -14.54 3.20
N GLY A 39 -27.31 -15.40 3.03
CA GLY A 39 -27.49 -16.07 1.75
C GLY A 39 -28.85 -16.68 1.54
N ARG A 40 -29.23 -16.81 0.27
CA ARG A 40 -30.44 -17.52 -0.14
C ARG A 40 -30.09 -18.77 -0.92
N SER A 41 -30.74 -19.87 -0.58
CA SER A 41 -30.34 -21.20 -1.06
C SER A 41 -30.54 -21.46 -2.54
N ASN A 42 -31.38 -20.65 -3.19
CA ASN A 42 -31.52 -20.71 -4.63
C ASN A 42 -30.97 -19.51 -5.40
N ASP A 43 -30.01 -18.82 -4.81
CA ASP A 43 -29.44 -17.63 -5.42
C ASP A 43 -27.96 -17.61 -5.12
N GLY A 44 -27.61 -17.41 -3.85
CA GLY A 44 -26.22 -17.39 -3.43
C GLY A 44 -25.98 -16.52 -2.20
N ALA A 45 -24.73 -16.49 -1.73
CA ALA A 45 -24.38 -15.76 -0.50
C ALA A 45 -23.86 -14.33 -0.78
N TYR A 46 -24.30 -13.37 0.04
CA TYR A 46 -23.93 -11.95 -0.18
C TYR A 46 -22.77 -11.48 0.68
N SER A 47 -22.68 -12.02 1.90
CA SER A 47 -21.69 -11.57 2.88
C SER A 47 -21.51 -12.64 3.93
N LEU A 48 -20.39 -12.57 4.64
CA LEU A 48 -20.12 -13.48 5.75
C LEU A 48 -19.22 -12.86 6.81
N VAL A 49 -19.31 -13.39 8.02
CA VAL A 49 -18.53 -12.91 9.15
C VAL A 49 -17.58 -14.01 9.67
N LEU A 50 -16.30 -13.66 9.84
CA LEU A 50 -15.32 -14.47 10.59
C LEU A 50 -15.26 -13.92 12.01
N ALA A 51 -15.71 -14.73 12.96
CA ALA A 51 -15.75 -14.32 14.38
C ALA A 51 -15.28 -15.43 15.29
N GLY A 52 -14.54 -16.38 14.75
CA GLY A 52 -14.07 -17.52 15.54
C GLY A 52 -15.20 -18.29 16.22
N GLY A 53 -16.39 -18.30 15.62
CA GLY A 53 -17.51 -19.06 16.15
C GLY A 53 -17.47 -20.56 15.84
N TYR A 54 -16.74 -20.94 14.80
CA TYR A 54 -16.63 -22.36 14.41
C TYR A 54 -15.20 -22.78 14.43
N GLU A 55 -14.89 -23.82 15.19
CA GLU A 55 -13.50 -24.25 15.41
C GLU A 55 -12.76 -24.63 14.11
N ASP A 56 -13.51 -24.98 13.06
CA ASP A 56 -12.88 -25.41 11.81
C ASP A 56 -12.47 -24.27 10.86
N ASP A 57 -12.90 -23.03 11.17
CA ASP A 57 -12.44 -21.84 10.46
C ASP A 57 -10.93 -21.68 10.58
N VAL A 58 -10.23 -21.55 9.45
CA VAL A 58 -8.83 -21.14 9.49
C VAL A 58 -8.64 -19.92 8.57
N ASP A 59 -8.17 -18.82 9.16
CA ASP A 59 -8.10 -17.54 8.48
C ASP A 59 -6.67 -17.26 8.15
N HIS A 60 -6.36 -17.05 6.86
CA HIS A 60 -4.98 -16.66 6.45
C HIS A 60 -4.94 -15.28 5.78
N GLY A 61 -5.97 -14.46 5.97
CA GLY A 61 -5.95 -13.07 5.50
C GLY A 61 -6.46 -12.95 4.08
N ASN A 62 -5.55 -13.04 3.10
CA ASN A 62 -5.93 -12.96 1.67
C ASN A 62 -6.71 -14.20 1.18
N PHE A 63 -6.61 -15.28 1.96
CA PHE A 63 -7.49 -16.42 1.80
C PHE A 63 -7.86 -17.03 3.16
N PHE A 64 -8.93 -17.79 3.19
CA PHE A 64 -9.35 -18.47 4.43
C PHE A 64 -10.27 -19.61 4.08
N THR A 65 -10.30 -20.60 4.96
CA THR A 65 -11.22 -21.71 4.86
C THR A 65 -12.32 -21.49 5.89
N TYR A 66 -13.53 -21.22 5.38
CA TYR A 66 -14.71 -20.91 6.19
C TYR A 66 -15.49 -22.22 6.47
N THR A 67 -16.20 -22.27 7.59
CA THR A 67 -17.02 -23.42 7.91
C THR A 67 -18.48 -23.07 7.67
N GLY A 68 -19.24 -24.04 7.17
CA GLY A 68 -20.70 -23.93 7.09
C GLY A 68 -21.34 -23.73 8.46
N SER A 69 -22.59 -23.26 8.48
CA SER A 69 -23.34 -23.17 9.74
C SER A 69 -24.07 -24.48 10.01
N GLY A 70 -24.54 -24.67 11.25
CA GLY A 70 -25.28 -25.85 11.63
C GLY A 70 -24.44 -27.03 12.06
N GLY A 71 -25.00 -28.23 11.98
CA GLY A 71 -24.41 -29.41 12.64
C GLY A 71 -24.54 -29.27 14.18
N ARG A 72 -25.53 -28.51 14.63
CA ARG A 72 -25.61 -28.07 16.01
C ARG A 72 -27.00 -28.27 16.59
N ASP A 73 -27.04 -28.62 17.87
CA ASP A 73 -28.30 -28.66 18.61
C ASP A 73 -28.57 -27.29 19.29
N LEU A 74 -29.50 -26.52 18.74
CA LEU A 74 -29.84 -25.21 19.31
C LEU A 74 -31.09 -25.22 20.21
N SER A 75 -31.54 -26.41 20.62
CA SER A 75 -32.57 -26.57 21.69
C SER A 75 -32.33 -25.69 22.91
N GLY A 76 -33.41 -25.19 23.49
CA GLY A 76 -33.28 -24.31 24.65
C GLY A 76 -33.09 -22.87 24.21
N ASN A 77 -33.56 -22.56 23.01
CA ASN A 77 -33.45 -21.22 22.47
C ASN A 77 -32.01 -20.73 22.49
N LYS A 78 -31.11 -21.56 21.96
CA LYS A 78 -29.72 -21.16 21.77
C LYS A 78 -29.45 -20.50 20.41
N ARG A 79 -28.29 -19.84 20.29
CA ARG A 79 -27.83 -19.27 19.05
C ARG A 79 -26.57 -19.99 18.60
N THR A 80 -25.79 -20.50 19.55
CA THR A 80 -24.56 -21.24 19.24
C THR A 80 -24.47 -22.50 20.13
N ALA A 81 -23.71 -23.49 19.69
CA ALA A 81 -23.47 -24.70 20.47
C ALA A 81 -22.28 -25.34 19.83
N GLU A 82 -21.83 -26.46 20.39
CA GLU A 82 -20.78 -27.27 19.76
C GLU A 82 -21.36 -28.17 18.65
N GLN A 83 -20.50 -28.64 17.74
CA GLN A 83 -20.92 -29.65 16.74
C GLN A 83 -21.46 -30.92 17.44
N SER A 84 -22.66 -31.33 17.07
CA SER A 84 -23.25 -32.57 17.61
C SER A 84 -23.83 -33.47 16.52
N CYS A 85 -23.72 -33.07 15.26
CA CYS A 85 -24.10 -33.89 14.10
C CYS A 85 -23.49 -33.32 12.82
N ASP A 86 -23.61 -34.06 11.73
CA ASP A 86 -23.11 -33.62 10.42
C ASP A 86 -23.80 -32.37 9.88
N GLN A 87 -23.04 -31.51 9.22
CA GLN A 87 -23.63 -30.38 8.52
C GLN A 87 -24.17 -30.89 7.17
N LYS A 88 -25.01 -30.07 6.53
CA LYS A 88 -25.60 -30.37 5.23
C LYS A 88 -25.41 -29.19 4.27
N LEU A 89 -25.40 -29.45 2.97
CA LEU A 89 -25.31 -28.37 2.01
C LEU A 89 -26.70 -27.77 1.72
N THR A 90 -27.29 -27.17 2.75
CA THR A 90 -28.62 -26.60 2.67
C THR A 90 -28.55 -25.17 3.16
N ASN A 91 -29.64 -24.43 2.99
CA ASN A 91 -29.79 -23.11 3.57
C ASN A 91 -28.63 -22.18 3.15
N THR A 92 -27.99 -21.51 4.10
CA THR A 92 -26.88 -20.60 3.79
C THR A 92 -25.65 -21.38 3.28
N ASN A 93 -25.47 -22.62 3.76
CA ASN A 93 -24.41 -23.45 3.19
C ASN A 93 -24.54 -23.67 1.68
N ARG A 94 -25.77 -23.87 1.22
N ARG A 94 -25.76 -23.88 1.21
CA ARG A 94 -26.04 -24.07 -0.20
CA ARG A 94 -25.97 -24.06 -0.22
C ARG A 94 -25.86 -22.74 -0.93
C ARG A 94 -25.78 -22.72 -0.92
N ALA A 95 -26.27 -21.65 -0.29
CA ALA A 95 -26.14 -20.28 -0.83
C ALA A 95 -24.69 -19.96 -1.18
N LEU A 96 -23.81 -20.13 -0.20
CA LEU A 96 -22.37 -19.94 -0.40
C LEU A 96 -21.78 -20.86 -1.48
N ALA A 97 -22.27 -22.09 -1.57
CA ALA A 97 -21.70 -23.00 -2.58
C ALA A 97 -22.03 -22.51 -4.01
N LEU A 98 -23.18 -21.87 -4.16
CA LEU A 98 -23.62 -21.35 -5.46
C LEU A 98 -22.75 -20.21 -5.98
N ASN A 99 -22.06 -19.52 -5.07
CA ASN A 99 -21.16 -18.43 -5.44
C ASN A 99 -19.96 -18.94 -6.24
N CYS A 100 -19.58 -20.18 -5.98
CA CYS A 100 -18.48 -20.81 -6.66
C CYS A 100 -18.89 -20.96 -8.11
N PHE A 101 -17.97 -20.63 -9.02
CA PHE A 101 -18.20 -20.72 -10.47
C PHE A 101 -17.99 -22.16 -10.96
N ALA A 102 -18.84 -23.07 -10.47
CA ALA A 102 -18.82 -24.51 -10.85
C ALA A 102 -20.19 -25.09 -10.53
N PRO A 103 -20.61 -26.17 -11.23
CA PRO A 103 -21.90 -26.77 -10.89
C PRO A 103 -21.98 -27.20 -9.43
N ILE A 104 -23.10 -26.91 -8.78
CA ILE A 104 -23.31 -27.28 -7.39
C ILE A 104 -23.27 -28.80 -7.22
N ASN A 105 -22.40 -29.29 -6.35
CA ASN A 105 -22.35 -30.71 -6.01
C ASN A 105 -22.43 -30.81 -4.50
N ASP A 106 -23.47 -31.47 -3.98
CA ASP A 106 -23.71 -31.56 -2.54
C ASP A 106 -23.22 -32.88 -1.94
N GLN A 107 -22.48 -33.66 -2.72
CA GLN A 107 -21.88 -34.91 -2.26
C GLN A 107 -20.38 -34.76 -2.02
N GLU A 108 -19.64 -34.30 -3.04
CA GLU A 108 -18.21 -34.08 -2.87
C GLU A 108 -17.76 -32.64 -3.02
N GLY A 109 -18.72 -31.73 -3.17
CA GLY A 109 -18.40 -30.31 -3.35
C GLY A 109 -17.84 -30.05 -4.75
N ALA A 110 -17.20 -28.91 -4.94
CA ALA A 110 -16.76 -28.47 -6.26
C ALA A 110 -15.65 -27.43 -6.21
N GLU A 111 -14.98 -27.25 -7.35
CA GLU A 111 -13.90 -26.30 -7.49
C GLU A 111 -14.04 -25.48 -8.78
N ALA A 112 -13.94 -24.15 -8.67
CA ALA A 112 -14.01 -23.27 -9.82
C ALA A 112 -12.59 -23.03 -10.39
N LYS A 113 -12.30 -23.57 -11.58
CA LYS A 113 -11.03 -23.25 -12.26
C LYS A 113 -10.90 -21.76 -12.54
N ASP A 114 -12.01 -21.12 -12.87
CA ASP A 114 -12.03 -19.71 -13.09
C ASP A 114 -12.74 -19.06 -11.91
N TRP A 115 -12.19 -19.27 -10.71
CA TRP A 115 -12.81 -18.82 -9.48
C TRP A 115 -13.15 -17.32 -9.44
N ARG A 116 -12.36 -16.50 -10.12
CA ARG A 116 -12.57 -15.04 -10.07
C ARG A 116 -13.87 -14.65 -10.73
N SER A 117 -14.41 -15.57 -11.52
CA SER A 117 -15.69 -15.37 -12.20
C SER A 117 -16.90 -15.69 -11.32
N GLY A 118 -16.67 -16.31 -10.16
CA GLY A 118 -17.74 -16.61 -9.19
C GLY A 118 -18.42 -15.33 -8.65
N LYS A 119 -19.50 -15.50 -7.87
CA LYS A 119 -20.19 -14.36 -7.26
C LYS A 119 -19.37 -13.83 -6.09
N PRO A 120 -19.36 -12.50 -5.89
CA PRO A 120 -18.61 -11.84 -4.81
C PRO A 120 -19.27 -12.04 -3.42
N VAL A 121 -18.43 -12.22 -2.41
CA VAL A 121 -18.84 -12.28 -0.99
C VAL A 121 -18.21 -11.10 -0.24
N ARG A 122 -19.01 -10.19 0.29
CA ARG A 122 -18.52 -9.23 1.28
C ARG A 122 -18.03 -9.94 2.56
N VAL A 123 -16.79 -9.68 2.98
CA VAL A 123 -16.26 -10.35 4.20
C VAL A 123 -15.99 -9.40 5.37
N VAL A 124 -16.66 -9.66 6.51
CA VAL A 124 -16.43 -8.91 7.73
C VAL A 124 -15.59 -9.74 8.72
N ARG A 125 -14.53 -9.13 9.28
CA ARG A 125 -13.80 -9.77 10.39
C ARG A 125 -14.18 -9.11 11.72
N ASN A 126 -14.39 -9.96 12.72
CA ASN A 126 -14.78 -9.56 14.06
C ASN A 126 -13.67 -9.93 15.05
N VAL A 127 -13.57 -9.15 16.14
CA VAL A 127 -12.49 -9.31 17.10
C VAL A 127 -12.37 -10.71 17.71
N LYS A 128 -13.48 -11.42 17.88
CA LYS A 128 -13.44 -12.77 18.46
C LYS A 128 -12.65 -13.74 17.62
N GLY A 129 -12.53 -13.47 16.34
CA GLY A 129 -11.66 -14.28 15.48
C GLY A 129 -10.19 -14.20 15.88
N GLY A 130 -9.86 -13.36 16.86
CA GLY A 130 -8.48 -13.09 17.23
C GLY A 130 -7.77 -14.21 17.97
N LYS A 131 -8.54 -15.07 18.66
CA LYS A 131 -8.01 -16.25 19.34
C LYS A 131 -7.17 -17.15 18.41
N ASN A 132 -7.66 -17.32 17.17
CA ASN A 132 -7.03 -18.21 16.18
C ASN A 132 -6.68 -17.51 14.83
N SER A 133 -6.36 -16.22 14.89
CA SER A 133 -6.09 -15.46 13.68
C SER A 133 -5.37 -14.16 13.91
N LYS A 134 -4.44 -13.88 13.02
CA LYS A 134 -3.61 -12.68 13.03
C LYS A 134 -4.36 -11.48 12.45
N TYR A 135 -5.43 -11.76 11.70
CA TYR A 135 -6.11 -10.76 10.87
C TYR A 135 -7.32 -10.09 11.47
N ALA A 136 -7.73 -10.54 12.66
CA ALA A 136 -8.89 -9.97 13.35
C ALA A 136 -8.56 -8.56 13.85
N PRO A 137 -9.56 -7.66 13.80
CA PRO A 137 -9.32 -6.35 14.37
C PRO A 137 -9.22 -6.45 15.88
N ALA A 138 -8.74 -5.38 16.50
CA ALA A 138 -8.52 -5.31 17.95
C ALA A 138 -9.83 -5.13 18.71
N GLU A 139 -10.86 -4.67 18.01
CA GLU A 139 -12.16 -4.35 18.59
C GLU A 139 -13.23 -4.46 17.51
N GLY A 140 -14.42 -4.96 17.86
CA GLY A 140 -15.55 -4.83 16.95
C GLY A 140 -15.42 -5.58 15.64
N ASN A 141 -16.00 -4.99 14.60
CA ASN A 141 -16.14 -5.61 13.27
C ASN A 141 -15.58 -4.70 12.21
N ARG A 142 -14.92 -5.31 11.25
CA ARG A 142 -14.23 -4.58 10.19
C ARG A 142 -14.57 -5.16 8.83
N TYR A 143 -14.95 -4.28 7.91
CA TYR A 143 -15.19 -4.67 6.52
C TYR A 143 -13.88 -4.88 5.78
N ASP A 144 -13.67 -6.10 5.30
CA ASP A 144 -12.37 -6.47 4.73
C ASP A 144 -12.33 -6.59 3.20
N GLY A 145 -13.47 -6.34 2.54
CA GLY A 145 -13.52 -6.38 1.07
C GLY A 145 -14.14 -7.64 0.48
N ILE A 146 -13.99 -7.82 -0.83
CA ILE A 146 -14.61 -8.88 -1.58
C ILE A 146 -13.71 -10.10 -1.69
N TYR A 147 -14.31 -11.26 -1.47
CA TYR A 147 -13.67 -12.55 -1.64
C TYR A 147 -14.58 -13.42 -2.53
N LYS A 148 -14.01 -14.48 -3.07
CA LYS A 148 -14.71 -15.38 -3.96
C LYS A 148 -14.46 -16.82 -3.51
N VAL A 149 -15.41 -17.71 -3.75
CA VAL A 149 -15.28 -19.10 -3.33
C VAL A 149 -14.60 -19.89 -4.43
N VAL A 150 -13.42 -20.40 -4.10
CA VAL A 150 -12.56 -21.14 -5.00
C VAL A 150 -13.05 -22.60 -5.06
N LYS A 151 -13.36 -23.15 -3.91
CA LYS A 151 -13.83 -24.52 -3.82
C LYS A 151 -14.50 -24.73 -2.47
N TYR A 152 -15.25 -25.82 -2.35
CA TYR A 152 -15.88 -26.22 -1.10
C TYR A 152 -15.97 -27.75 -1.10
N TRP A 153 -15.92 -28.37 0.08
CA TRP A 153 -15.87 -29.82 0.18
C TRP A 153 -16.35 -30.23 1.57
N PRO A 154 -16.85 -31.47 1.71
CA PRO A 154 -17.12 -31.96 3.07
C PRO A 154 -15.88 -32.59 3.68
N GLU A 155 -15.71 -32.44 4.99
CA GLU A 155 -14.73 -33.26 5.72
C GLU A 155 -15.07 -33.29 7.21
N LYS A 156 -14.55 -34.29 7.94
CA LYS A 156 -14.65 -34.33 9.40
C LYS A 156 -13.97 -33.12 10.06
N GLY A 157 -14.70 -32.42 10.91
CA GLY A 157 -14.09 -31.28 11.59
C GLY A 157 -13.31 -31.78 12.78
N LYS A 158 -12.76 -30.83 13.55
CA LYS A 158 -12.10 -31.16 14.82
C LYS A 158 -13.00 -31.98 15.74
N SER A 159 -14.29 -31.65 15.74
CA SER A 159 -15.31 -32.32 16.58
C SER A 159 -15.54 -33.77 16.24
N GLY A 160 -15.20 -34.19 15.03
CA GLY A 160 -15.41 -35.57 14.60
C GLY A 160 -16.65 -35.72 13.73
N PHE A 161 -17.39 -34.63 13.58
CA PHE A 161 -18.56 -34.60 12.72
C PHE A 161 -18.23 -33.97 11.39
N LEU A 162 -19.01 -34.30 10.36
CA LEU A 162 -18.87 -33.68 9.06
C LEU A 162 -19.17 -32.16 9.10
N VAL A 163 -18.26 -31.39 8.49
CA VAL A 163 -18.53 -30.00 8.18
C VAL A 163 -18.28 -29.71 6.69
N TRP A 164 -19.03 -28.74 6.18
CA TRP A 164 -18.78 -28.15 4.89
C TRP A 164 -17.77 -27.03 5.08
N ARG A 165 -16.77 -27.03 4.20
CA ARG A 165 -15.62 -26.14 4.27
C ARG A 165 -15.50 -25.42 2.94
N TYR A 166 -15.18 -24.13 2.99
CA TYR A 166 -15.14 -23.30 1.79
C TYR A 166 -13.83 -22.54 1.74
N LEU A 167 -13.11 -22.64 0.62
CA LEU A 167 -11.93 -21.83 0.45
C LEU A 167 -12.33 -20.52 -0.22
N LEU A 168 -12.19 -19.44 0.52
CA LEU A 168 -12.44 -18.12 -0.06
C LEU A 168 -11.12 -17.40 -0.26
N ARG A 169 -10.98 -16.80 -1.44
CA ARG A 169 -9.80 -16.04 -1.72
C ARG A 169 -10.14 -14.58 -2.05
N ARG A 170 -9.29 -13.64 -1.63
CA ARG A 170 -9.60 -12.21 -1.83
C ARG A 170 -9.47 -11.81 -3.31
N ASP A 171 -10.36 -10.92 -3.74
CA ASP A 171 -10.38 -10.43 -5.09
C ASP A 171 -10.92 -9.00 -5.06
N ASP A 172 -10.06 -8.04 -4.70
CA ASP A 172 -10.53 -6.70 -4.41
C ASP A 172 -9.40 -5.68 -4.62
N ASP A 173 -9.67 -4.64 -5.41
CA ASP A 173 -8.73 -3.54 -5.67
C ASP A 173 -8.36 -2.70 -4.44
N GLU A 174 -9.24 -2.62 -3.45
CA GLU A 174 -8.93 -1.90 -2.21
C GLU A 174 -8.03 -2.86 -1.42
N PRO A 175 -6.89 -2.37 -0.88
CA PRO A 175 -5.96 -3.27 -0.20
C PRO A 175 -6.47 -3.65 1.19
N GLY A 176 -6.07 -4.85 1.65
CA GLY A 176 -6.48 -5.37 2.94
C GLY A 176 -6.07 -4.43 4.04
N PRO A 177 -6.91 -4.27 5.08
CA PRO A 177 -6.57 -3.30 6.12
C PRO A 177 -5.36 -3.65 6.97
N TRP A 178 -4.91 -4.90 6.97
CA TRP A 178 -3.70 -5.26 7.71
C TRP A 178 -2.40 -4.92 6.96
N THR A 179 -2.53 -4.53 5.69
CA THR A 179 -1.36 -4.24 4.87
C THR A 179 -0.93 -2.80 5.13
N LYS A 180 0.30 -2.48 4.72
CA LYS A 180 0.85 -1.13 4.79
C LYS A 180 -0.10 -0.12 4.13
N GLU A 181 -0.54 -0.41 2.91
CA GLU A 181 -1.37 0.53 2.15
C GLU A 181 -2.78 0.61 2.73
N GLY A 182 -3.32 -0.53 3.15
CA GLY A 182 -4.59 -0.59 3.89
C GLY A 182 -4.55 0.37 5.08
N LYS A 183 -3.47 0.29 5.86
CA LYS A 183 -3.34 1.16 7.03
C LYS A 183 -3.26 2.64 6.67
N ASP A 184 -2.54 2.96 5.59
CA ASP A 184 -2.41 4.34 5.10
C ASP A 184 -3.73 4.91 4.62
N ARG A 185 -4.49 4.08 3.93
CA ARG A 185 -5.79 4.47 3.42
C ARG A 185 -6.74 4.77 4.59
N ILE A 186 -6.75 3.87 5.57
CA ILE A 186 -7.60 4.03 6.74
C ILE A 186 -7.27 5.34 7.43
N LYS A 187 -5.97 5.60 7.58
CA LYS A 187 -5.49 6.83 8.19
C LYS A 187 -5.94 8.07 7.40
N LYS A 188 -5.73 8.05 6.08
CA LYS A 188 -6.12 9.15 5.20
C LYS A 188 -7.63 9.44 5.24
N LEU A 189 -8.42 8.38 5.24
CA LEU A 189 -9.88 8.47 5.34
C LEU A 189 -10.41 8.78 6.76
N GLY A 190 -9.55 8.65 7.78
CA GLY A 190 -9.96 8.93 9.15
C GLY A 190 -10.92 7.89 9.71
N LEU A 191 -10.81 6.67 9.20
CA LEU A 191 -11.71 5.63 9.66
C LEU A 191 -11.45 5.31 11.12
N THR A 192 -12.54 5.18 11.87
CA THR A 192 -12.48 5.03 13.31
C THR A 192 -13.67 4.21 13.74
N MET A 193 -13.55 3.55 14.89
CA MET A 193 -14.62 2.70 15.38
C MET A 193 -15.95 3.46 15.47
N GLN A 194 -16.99 2.91 14.83
CA GLN A 194 -18.35 3.45 14.89
C GLN A 194 -19.11 2.79 16.05
N TYR A 195 -19.69 3.63 16.91
CA TYR A 195 -20.49 3.18 18.05
C TYR A 195 -21.96 3.53 17.81
N PRO A 196 -22.89 2.76 18.41
CA PRO A 196 -24.29 3.16 18.27
C PRO A 196 -24.51 4.50 18.92
N GLU A 197 -25.49 5.24 18.44
CA GLU A 197 -25.84 6.54 18.98
C GLU A 197 -26.19 6.45 20.46
N GLY A 198 -25.61 7.33 21.26
CA GLY A 198 -25.84 7.36 22.69
C GLY A 198 -25.01 6.37 23.49
N TYR A 199 -24.38 5.42 22.80
CA TYR A 199 -23.63 4.35 23.47
C TYR A 199 -22.50 4.83 24.36
N LEU A 200 -21.66 5.71 23.82
CA LEU A 200 -20.50 6.23 24.55
C LEU A 200 -20.91 7.03 25.78
N GLU A 201 -21.92 7.89 25.62
CA GLU A 201 -22.56 8.62 26.73
C GLU A 201 -23.02 7.69 27.86
N ALA A 202 -23.65 6.58 27.48
CA ALA A 202 -24.12 5.59 28.44
C ALA A 202 -22.96 4.98 29.20
N LEU A 203 -21.78 4.97 28.57
CA LEU A 203 -20.55 4.51 29.22
C LEU A 203 -19.86 5.57 30.10
N ALA A 204 -20.11 6.84 29.78
CA ALA A 204 -19.69 7.96 30.63
C ALA A 204 -20.53 7.99 31.91
N ASN A 205 -21.25 6.89 32.12
CA ASN A 205 -21.99 6.68 33.35
C ASN A 205 -21.32 5.63 34.24
N ALA A 206 -19.98 5.62 34.23
CA ALA A 206 -19.22 5.05 35.32
C ALA A 206 -19.38 6.06 36.46
N HIS A 207 -20.37 5.79 37.33
CA HIS A 207 -20.88 6.74 38.32
C HIS A 207 -21.55 7.93 37.66
N SER B 3 5.69 3.90 -24.56
CA SER B 3 6.24 2.93 -25.56
C SER B 3 6.32 1.49 -25.04
N ASN B 4 6.54 1.36 -23.74
CA ASN B 4 6.39 0.09 -23.10
C ASN B 4 5.16 0.18 -22.18
N HIS B 5 4.11 0.84 -22.69
CA HIS B 5 2.79 0.88 -22.06
C HIS B 5 1.96 -0.43 -22.14
N TYR B 6 1.43 -0.84 -20.99
CA TYR B 6 0.60 -2.02 -20.87
C TYR B 6 -0.85 -1.61 -20.70
N GLY B 7 -1.79 -2.43 -21.19
CA GLY B 7 -3.22 -2.14 -21.04
C GLY B 7 -3.73 -1.20 -22.13
N PRO B 8 -5.02 -0.81 -22.07
CA PRO B 8 -5.61 0.02 -23.13
C PRO B 8 -5.00 1.41 -23.21
N ILE B 9 -5.18 2.06 -24.35
CA ILE B 9 -4.67 3.38 -24.60
C ILE B 9 -5.77 4.38 -24.27
N PRO B 10 -5.55 5.26 -23.28
CA PRO B 10 -6.57 6.28 -22.93
C PRO B 10 -7.20 6.88 -24.19
N GLY B 11 -8.53 6.92 -24.24
CA GLY B 11 -9.24 7.51 -25.37
C GLY B 11 -9.36 6.64 -26.62
N ILE B 12 -8.91 5.40 -26.56
CA ILE B 12 -9.10 4.51 -27.71
C ILE B 12 -9.97 3.32 -27.31
N PRO B 13 -11.28 3.41 -27.56
CA PRO B 13 -12.17 2.33 -27.16
C PRO B 13 -12.11 1.09 -28.06
N VAL B 14 -12.53 -0.05 -27.52
CA VAL B 14 -12.75 -1.26 -28.31
C VAL B 14 -13.68 -0.94 -29.48
N GLY B 15 -13.28 -1.35 -30.69
CA GLY B 15 -14.08 -1.13 -31.88
C GLY B 15 -13.50 -0.12 -32.84
N THR B 16 -12.60 0.73 -32.33
CA THR B 16 -11.87 1.72 -33.15
C THR B 16 -11.23 1.02 -34.36
N MET B 17 -11.32 1.65 -35.52
CA MET B 17 -10.86 1.04 -36.78
C MET B 17 -9.87 1.93 -37.52
N TRP B 18 -8.86 1.32 -38.15
CA TRP B 18 -7.92 2.05 -39.02
C TRP B 18 -7.64 1.23 -40.25
N ARG B 19 -7.46 1.91 -41.38
CA ARG B 19 -7.21 1.24 -42.65
C ARG B 19 -5.82 0.59 -42.72
N PHE B 20 -4.81 1.29 -42.21
CA PHE B 20 -3.45 0.82 -42.36
C PHE B 20 -2.73 0.63 -41.03
N ARG B 21 -1.91 -0.42 -40.98
CA ARG B 21 -1.06 -0.70 -39.82
C ARG B 21 -0.33 0.53 -39.27
N VAL B 22 0.25 1.35 -40.15
CA VAL B 22 0.95 2.55 -39.70
C VAL B 22 0.06 3.44 -38.81
N GLN B 23 -1.25 3.46 -39.09
CA GLN B 23 -2.19 4.25 -38.28
C GLN B 23 -2.40 3.59 -36.92
N VAL B 24 -2.41 2.26 -36.89
CA VAL B 24 -2.49 1.54 -35.63
C VAL B 24 -1.27 1.89 -34.77
N SER B 25 -0.11 2.01 -35.40
CA SER B 25 1.12 2.36 -34.67
C SER B 25 1.06 3.76 -34.11
N GLU B 26 0.69 4.72 -34.94
CA GLU B 26 0.65 6.14 -34.56
C GLU B 26 -0.30 6.38 -33.40
N SER B 27 -1.32 5.55 -33.26
CA SER B 27 -2.25 5.66 -32.14
C SER B 27 -1.65 5.11 -30.85
N GLY B 28 -0.62 4.27 -30.94
CA GLY B 28 -0.04 3.68 -29.73
C GLY B 28 -0.55 2.28 -29.46
N VAL B 29 -1.65 1.91 -30.11
CA VAL B 29 -2.25 0.59 -29.88
C VAL B 29 -1.32 -0.57 -30.28
N HIS B 30 -0.65 -0.44 -31.44
CA HIS B 30 0.31 -1.45 -31.85
C HIS B 30 1.43 -0.79 -32.61
N ARG B 31 2.52 -0.52 -31.90
CA ARG B 31 3.60 0.32 -32.41
C ARG B 31 4.35 -0.20 -33.62
N PRO B 32 4.69 -1.51 -33.64
CA PRO B 32 5.38 -1.98 -34.83
C PRO B 32 4.51 -1.77 -36.08
N HIS B 33 5.14 -1.38 -37.17
CA HIS B 33 4.45 -1.16 -38.46
C HIS B 33 4.23 -2.45 -39.23
N VAL B 34 4.99 -3.50 -38.93
CA VAL B 34 4.89 -4.77 -39.69
C VAL B 34 4.73 -5.95 -38.76
N ALA B 35 5.56 -6.00 -37.73
CA ALA B 35 5.63 -7.18 -36.83
C ALA B 35 4.30 -7.48 -36.21
N GLY B 36 4.00 -8.77 -36.02
CA GLY B 36 2.78 -9.14 -35.31
C GLY B 36 2.76 -8.79 -33.80
N ILE B 37 3.91 -8.86 -33.14
CA ILE B 37 3.95 -8.76 -31.67
C ILE B 37 4.82 -7.60 -31.35
N HIS B 38 4.34 -6.73 -30.47
CA HIS B 38 5.20 -5.72 -29.88
C HIS B 38 5.59 -6.18 -28.48
N GLY B 39 6.89 -6.43 -28.30
CA GLY B 39 7.38 -6.84 -27.01
C GLY B 39 8.87 -6.69 -26.83
N ARG B 40 9.28 -6.69 -25.56
CA ARG B 40 10.68 -6.68 -25.15
C ARG B 40 10.95 -7.97 -24.40
N SER B 41 12.04 -8.65 -24.75
CA SER B 41 12.24 -10.02 -24.32
C SER B 41 12.60 -10.15 -22.86
N ASN B 42 12.88 -9.04 -22.19
CA ASN B 42 13.08 -9.09 -20.74
C ASN B 42 12.03 -8.44 -19.87
N ASP B 43 10.91 -8.07 -20.49
CA ASP B 43 9.83 -7.34 -19.84
C ASP B 43 8.51 -8.04 -20.17
N GLY B 44 8.05 -7.92 -21.40
CA GLY B 44 6.87 -8.62 -21.87
C GLY B 44 6.31 -7.95 -23.09
N ALA B 45 5.12 -8.41 -23.51
CA ALA B 45 4.47 -8.00 -24.76
C ALA B 45 3.29 -7.08 -24.47
N TYR B 46 3.16 -6.00 -25.26
CA TYR B 46 2.15 -4.96 -25.04
C TYR B 46 0.94 -5.12 -25.96
N SER B 47 1.18 -5.69 -27.15
CA SER B 47 0.14 -5.80 -28.17
C SER B 47 0.50 -6.81 -29.23
N LEU B 48 -0.52 -7.29 -29.94
CA LEU B 48 -0.31 -8.19 -31.05
C LEU B 48 -1.42 -8.04 -32.07
N VAL B 49 -1.10 -8.38 -33.32
CA VAL B 49 -2.04 -8.32 -34.44
C VAL B 49 -2.34 -9.72 -34.97
N LEU B 50 -3.63 -10.02 -35.13
CA LEU B 50 -4.12 -11.22 -35.88
C LEU B 50 -4.44 -10.79 -37.32
N ALA B 51 -3.57 -11.14 -38.27
CA ALA B 51 -3.77 -10.73 -39.67
C ALA B 51 -3.72 -11.89 -40.62
N GLY B 52 -3.83 -13.11 -40.10
CA GLY B 52 -3.76 -14.29 -40.94
C GLY B 52 -2.41 -14.53 -41.59
N GLY B 53 -1.35 -13.97 -41.00
CA GLY B 53 0.01 -14.16 -41.51
C GLY B 53 0.67 -15.52 -41.25
N TYR B 54 0.18 -16.24 -40.24
CA TYR B 54 0.80 -17.50 -39.83
C TYR B 54 -0.26 -18.55 -39.88
N GLU B 55 -0.04 -19.58 -40.68
CA GLU B 55 -1.07 -20.58 -40.88
C GLU B 55 -1.49 -21.32 -39.61
N ASP B 56 -0.64 -21.29 -38.58
CA ASP B 56 -1.00 -21.94 -37.31
C ASP B 56 -1.91 -21.11 -36.37
N ASP B 57 -2.04 -19.79 -36.59
CA ASP B 57 -3.05 -18.98 -35.89
C ASP B 57 -4.42 -19.63 -36.02
N VAL B 58 -5.11 -19.79 -34.89
CA VAL B 58 -6.52 -20.15 -34.92
C VAL B 58 -7.34 -19.27 -33.98
N ASP B 59 -8.27 -18.54 -34.57
CA ASP B 59 -9.01 -17.48 -33.90
C ASP B 59 -10.42 -17.94 -33.56
N HIS B 60 -10.77 -17.92 -32.27
CA HIS B 60 -12.16 -18.16 -31.84
C HIS B 60 -12.81 -16.94 -31.15
N GLY B 61 -12.31 -15.73 -31.37
CA GLY B 61 -12.99 -14.53 -30.89
C GLY B 61 -12.60 -14.18 -29.46
N ASN B 62 -13.39 -14.66 -28.50
CA ASN B 62 -13.03 -14.53 -27.08
C ASN B 62 -11.79 -15.28 -26.63
N PHE B 63 -11.34 -16.23 -27.43
CA PHE B 63 -10.03 -16.81 -27.27
C PHE B 63 -9.41 -17.24 -28.61
N PHE B 64 -8.09 -17.33 -28.64
CA PHE B 64 -7.39 -17.76 -29.84
C PHE B 64 -6.02 -18.33 -29.51
N THR B 65 -5.51 -19.13 -30.44
CA THR B 65 -4.15 -19.62 -30.38
C THR B 65 -3.36 -18.84 -31.39
N TYR B 66 -2.38 -18.11 -30.86
CA TYR B 66 -1.49 -17.26 -31.62
C TYR B 66 -0.15 -17.99 -31.89
N THR B 67 0.47 -17.70 -33.02
CA THR B 67 1.75 -18.27 -33.34
C THR B 67 2.84 -17.27 -33.07
N GLY B 68 3.95 -17.76 -32.52
CA GLY B 68 5.17 -16.96 -32.43
C GLY B 68 5.67 -16.47 -33.79
N SER B 69 6.53 -15.46 -33.77
CA SER B 69 7.16 -15.01 -35.01
C SER B 69 8.44 -15.82 -35.34
N GLY B 70 8.90 -15.71 -36.59
CA GLY B 70 10.15 -16.35 -37.01
C GLY B 70 9.98 -17.78 -37.46
N GLY B 71 11.08 -18.55 -37.45
CA GLY B 71 11.10 -19.87 -38.10
C GLY B 71 11.13 -19.73 -39.62
N ARG B 72 11.60 -18.59 -40.10
CA ARG B 72 11.47 -18.23 -41.51
C ARG B 72 12.79 -17.73 -42.02
N ASP B 73 13.04 -17.95 -43.29
CA ASP B 73 14.21 -17.39 -43.93
C ASP B 73 13.75 -16.13 -44.64
N LEU B 74 14.15 -14.96 -44.12
CA LEU B 74 13.75 -13.68 -44.72
C LEU B 74 14.81 -13.07 -45.61
N SER B 75 15.81 -13.88 -45.99
CA SER B 75 16.81 -13.54 -47.03
C SER B 75 16.18 -12.89 -48.25
N GLY B 76 16.82 -11.83 -48.73
CA GLY B 76 16.32 -11.16 -49.92
C GLY B 76 15.48 -9.96 -49.55
N ASN B 77 15.68 -9.47 -48.34
CA ASN B 77 14.95 -8.33 -47.86
C ASN B 77 13.42 -8.57 -47.86
N LYS B 78 13.05 -9.77 -47.40
CA LYS B 78 11.66 -10.16 -47.21
C LYS B 78 11.13 -9.73 -45.84
N ARG B 79 9.80 -9.61 -45.70
CA ARG B 79 9.15 -9.36 -44.42
C ARG B 79 8.40 -10.61 -43.98
N THR B 80 7.91 -11.39 -44.94
CA THR B 80 7.23 -12.65 -44.63
C THR B 80 7.74 -13.83 -45.49
N ALA B 81 7.50 -15.06 -45.06
CA ALA B 81 7.93 -16.25 -45.79
C ALA B 81 7.24 -17.46 -45.19
N GLU B 82 7.26 -18.59 -45.89
CA GLU B 82 6.77 -19.84 -45.31
C GLU B 82 7.71 -20.29 -44.18
N GLN B 83 7.23 -21.11 -43.24
CA GLN B 83 8.11 -21.75 -42.25
C GLN B 83 9.21 -22.61 -42.91
N SER B 84 10.45 -22.42 -42.49
CA SER B 84 11.59 -23.21 -43.02
C SER B 84 12.61 -23.64 -41.96
N CYS B 85 12.25 -23.44 -40.68
CA CYS B 85 13.00 -23.99 -39.56
C CYS B 85 12.20 -23.77 -38.28
N ASP B 86 12.68 -24.39 -37.20
CA ASP B 86 12.04 -24.29 -35.88
C ASP B 86 12.03 -22.87 -35.34
N GLN B 87 10.96 -22.54 -34.62
CA GLN B 87 10.89 -21.26 -33.94
C GLN B 87 11.62 -21.42 -32.61
N LYS B 88 11.96 -20.29 -31.98
CA LYS B 88 12.58 -20.27 -30.67
C LYS B 88 11.82 -19.34 -29.76
N LEU B 89 11.89 -19.60 -28.46
CA LEU B 89 11.31 -18.68 -27.48
C LEU B 89 12.31 -17.58 -27.14
N THR B 90 12.52 -16.68 -28.09
CA THR B 90 13.43 -15.56 -27.96
C THR B 90 12.70 -14.32 -28.48
N ASN B 91 13.35 -13.17 -28.36
CA ASN B 91 12.81 -11.92 -28.87
C ASN B 91 11.34 -11.68 -28.46
N THR B 92 10.46 -11.40 -29.41
CA THR B 92 9.07 -11.10 -29.11
C THR B 92 8.33 -12.33 -28.62
N ASN B 93 8.80 -13.52 -29.02
CA ASN B 93 8.22 -14.77 -28.52
C ASN B 93 8.48 -14.98 -27.01
N ARG B 94 9.68 -14.65 -26.56
N ARG B 94 9.68 -14.66 -26.55
CA ARG B 94 10.00 -14.71 -25.14
CA ARG B 94 9.98 -14.72 -25.12
C ARG B 94 9.18 -13.66 -24.41
C ARG B 94 9.14 -13.67 -24.42
N ALA B 95 9.04 -12.49 -25.01
CA ALA B 95 8.26 -11.40 -24.43
C ALA B 95 6.80 -11.79 -24.17
N LEU B 96 6.16 -12.37 -25.18
CA LEU B 96 4.78 -12.82 -25.03
C LEU B 96 4.64 -13.86 -23.92
N ALA B 97 5.63 -14.75 -23.78
CA ALA B 97 5.60 -15.79 -22.74
C ALA B 97 5.65 -15.18 -21.35
N LEU B 98 6.38 -14.07 -21.21
CA LEU B 98 6.48 -13.36 -19.93
C LEU B 98 5.16 -12.81 -19.44
N ASN B 99 4.20 -12.56 -20.33
CA ASN B 99 2.87 -12.12 -19.89
C ASN B 99 2.13 -13.20 -19.08
N CYS B 100 2.33 -14.46 -19.42
CA CYS B 100 1.71 -15.58 -18.73
C CYS B 100 2.14 -15.55 -17.28
N PHE B 101 1.16 -15.61 -16.36
CA PHE B 101 1.41 -15.57 -14.91
C PHE B 101 1.90 -16.92 -14.40
N ALA B 102 3.11 -17.27 -14.81
CA ALA B 102 3.79 -18.53 -14.48
C ALA B 102 5.27 -18.36 -14.86
N PRO B 103 6.17 -19.15 -14.24
CA PRO B 103 7.58 -19.04 -14.54
C PRO B 103 7.88 -19.37 -16.00
N ILE B 104 8.77 -18.60 -16.61
CA ILE B 104 9.13 -18.79 -18.00
C ILE B 104 9.80 -20.16 -18.20
N ASN B 105 9.31 -20.90 -19.18
CA ASN B 105 9.92 -22.17 -19.50
C ASN B 105 10.09 -22.25 -21.01
N ASP B 106 11.33 -22.31 -21.49
CA ASP B 106 11.56 -22.35 -22.94
C ASP B 106 11.68 -23.75 -23.54
N GLN B 107 11.41 -24.77 -22.72
CA GLN B 107 11.46 -26.14 -23.20
C GLN B 107 10.05 -26.71 -23.39
N GLU B 108 9.24 -26.66 -22.34
CA GLU B 108 7.87 -27.18 -22.41
C GLU B 108 6.80 -26.10 -22.49
N GLY B 109 7.21 -24.85 -22.30
CA GLY B 109 6.24 -23.78 -22.15
C GLY B 109 5.67 -23.87 -20.76
N ALA B 110 4.67 -23.04 -20.48
CA ALA B 110 4.05 -22.97 -19.15
C ALA B 110 2.54 -22.72 -19.19
N GLU B 111 1.89 -23.01 -18.08
CA GLU B 111 0.50 -22.61 -17.93
C GLU B 111 0.24 -21.85 -16.62
N ALA B 112 -0.52 -20.77 -16.72
CA ALA B 112 -0.92 -19.97 -15.59
C ALA B 112 -2.26 -20.44 -15.02
N LYS B 113 -2.27 -21.05 -13.83
CA LYS B 113 -3.53 -21.35 -13.15
C LYS B 113 -4.35 -20.11 -12.84
N ASP B 114 -3.69 -18.99 -12.61
CA ASP B 114 -4.38 -17.73 -12.33
C ASP B 114 -4.13 -16.80 -13.51
N TRP B 115 -4.54 -17.25 -14.68
CA TRP B 115 -4.18 -16.55 -15.90
C TRP B 115 -4.62 -15.07 -15.92
N ARG B 116 -5.68 -14.72 -15.19
CA ARG B 116 -6.19 -13.34 -15.21
C ARG B 116 -5.24 -12.34 -14.57
N SER B 117 -4.32 -12.86 -13.76
CA SER B 117 -3.35 -12.01 -13.07
C SER B 117 -2.15 -11.67 -13.96
N GLY B 118 -2.12 -12.26 -15.16
CA GLY B 118 -1.01 -12.08 -16.12
C GLY B 118 -1.02 -10.69 -16.72
N LYS B 119 -0.01 -10.38 -17.54
CA LYS B 119 0.12 -9.03 -18.12
C LYS B 119 -0.86 -8.87 -19.25
N PRO B 120 -1.48 -7.67 -19.37
CA PRO B 120 -2.46 -7.52 -20.45
C PRO B 120 -1.78 -7.39 -21.85
N VAL B 121 -2.49 -7.85 -22.89
CA VAL B 121 -2.07 -7.72 -24.29
C VAL B 121 -3.18 -7.00 -25.06
N ARG B 122 -2.87 -5.88 -25.70
CA ARG B 122 -3.85 -5.23 -26.55
C ARG B 122 -3.98 -6.04 -27.83
N VAL B 123 -5.21 -6.36 -28.26
CA VAL B 123 -5.36 -7.21 -29.48
C VAL B 123 -6.04 -6.50 -30.65
N VAL B 124 -5.33 -6.49 -31.79
CA VAL B 124 -5.86 -5.92 -33.01
C VAL B 124 -6.15 -7.04 -34.00
N ARG B 125 -7.36 -7.01 -34.59
CA ARG B 125 -7.69 -7.90 -35.72
C ARG B 125 -7.69 -7.13 -37.01
N ASN B 126 -7.06 -7.74 -38.02
CA ASN B 126 -6.91 -7.16 -39.36
C ASN B 126 -7.71 -8.01 -40.36
N VAL B 127 -8.24 -7.34 -41.39
CA VAL B 127 -9.08 -7.97 -42.40
C VAL B 127 -8.50 -9.28 -43.00
N LYS B 128 -7.18 -9.38 -43.16
CA LYS B 128 -6.58 -10.58 -43.76
C LYS B 128 -6.79 -11.82 -42.92
N GLY B 129 -7.11 -11.65 -41.64
CA GLY B 129 -7.52 -12.79 -40.82
C GLY B 129 -8.77 -13.51 -41.31
N GLY B 130 -9.56 -12.83 -42.15
CA GLY B 130 -10.89 -13.29 -42.56
C GLY B 130 -10.94 -14.53 -43.41
N LYS B 131 -9.81 -14.92 -43.99
CA LYS B 131 -9.71 -16.14 -44.77
C LYS B 131 -10.01 -17.36 -43.89
N ASN B 132 -9.47 -17.37 -42.67
CA ASN B 132 -9.74 -18.46 -41.75
C ASN B 132 -10.25 -18.01 -40.39
N SER B 133 -11.12 -16.99 -40.40
CA SER B 133 -11.70 -16.45 -39.18
C SER B 133 -13.00 -15.68 -39.35
N LYS B 134 -13.93 -16.04 -38.49
CA LYS B 134 -15.24 -15.42 -38.38
C LYS B 134 -15.18 -14.01 -37.76
N TYR B 135 -14.08 -13.69 -37.07
CA TYR B 135 -13.99 -12.51 -36.19
C TYR B 135 -13.28 -11.29 -36.75
N ALA B 136 -12.60 -11.48 -37.89
CA ALA B 136 -11.94 -10.38 -38.64
C ALA B 136 -12.90 -9.29 -39.10
N PRO B 137 -12.44 -8.04 -39.08
CA PRO B 137 -13.29 -7.00 -39.65
C PRO B 137 -13.39 -7.13 -41.17
N ALA B 138 -14.31 -6.39 -41.76
CA ALA B 138 -14.50 -6.40 -43.21
C ALA B 138 -13.45 -5.55 -43.97
N GLU B 139 -12.77 -4.66 -43.26
CA GLU B 139 -11.80 -3.74 -43.86
C GLU B 139 -10.83 -3.35 -42.77
N GLY B 140 -9.56 -3.15 -43.14
CA GLY B 140 -8.61 -2.53 -42.23
C GLY B 140 -8.36 -3.29 -40.94
N ASN B 141 -8.06 -2.54 -39.89
CA ASN B 141 -7.70 -3.06 -38.55
C ASN B 141 -8.67 -2.54 -37.51
N ARG B 142 -8.94 -3.36 -36.51
CA ARG B 142 -9.89 -3.05 -35.46
C ARG B 142 -9.31 -3.46 -34.11
N TYR B 143 -9.42 -2.56 -33.14
CA TYR B 143 -8.97 -2.86 -31.78
C TYR B 143 -10.02 -3.64 -30.99
N ASP B 144 -9.62 -4.82 -30.53
CA ASP B 144 -10.57 -5.75 -29.99
C ASP B 144 -10.50 -5.94 -28.46
N GLY B 145 -9.66 -5.16 -27.79
CA GLY B 145 -9.55 -5.20 -26.32
C GLY B 145 -8.42 -6.03 -25.74
N ILE B 146 -8.52 -6.34 -24.44
CA ILE B 146 -7.42 -6.90 -23.70
C ILE B 146 -7.56 -8.41 -23.61
N TYR B 147 -6.46 -9.11 -23.85
CA TYR B 147 -6.43 -10.54 -23.72
C TYR B 147 -5.25 -10.85 -22.79
N LYS B 148 -5.22 -12.08 -22.29
CA LYS B 148 -4.18 -12.52 -21.43
C LYS B 148 -3.71 -13.88 -21.85
N VAL B 149 -2.44 -14.16 -21.67
CA VAL B 149 -1.87 -15.43 -22.12
C VAL B 149 -2.14 -16.47 -21.07
N VAL B 150 -3.01 -17.41 -21.41
CA VAL B 150 -3.35 -18.51 -20.50
C VAL B 150 -2.18 -19.46 -20.38
N LYS B 151 -1.58 -19.80 -21.52
CA LYS B 151 -0.51 -20.79 -21.56
C LYS B 151 0.13 -20.75 -22.94
N TYR B 152 1.30 -21.36 -23.06
CA TYR B 152 2.03 -21.40 -24.33
C TYR B 152 2.85 -22.68 -24.33
N TRP B 153 3.13 -23.20 -25.51
CA TRP B 153 3.81 -24.50 -25.64
C TRP B 153 4.44 -24.61 -27.04
N PRO B 154 5.49 -25.43 -27.18
CA PRO B 154 6.03 -25.69 -28.53
C PRO B 154 5.29 -26.87 -29.18
N GLU B 155 5.14 -26.84 -30.50
CA GLU B 155 4.39 -27.86 -31.21
C GLU B 155 4.84 -27.85 -32.67
N LYS B 156 4.85 -29.04 -33.28
CA LYS B 156 5.00 -29.21 -34.73
C LYS B 156 3.87 -28.46 -35.48
N GLY B 157 4.22 -27.48 -36.32
CA GLY B 157 3.18 -26.73 -37.04
C GLY B 157 2.65 -27.51 -38.23
N LYS B 158 1.75 -26.88 -38.97
CA LYS B 158 1.25 -27.47 -40.22
C LYS B 158 2.39 -27.71 -41.20
N SER B 159 3.39 -26.84 -41.18
CA SER B 159 4.56 -26.95 -42.05
C SER B 159 5.52 -28.09 -41.68
N GLY B 160 5.35 -28.68 -40.51
CA GLY B 160 6.25 -29.75 -40.09
C GLY B 160 7.40 -29.25 -39.22
N PHE B 161 7.47 -27.93 -39.07
CA PHE B 161 8.49 -27.32 -38.22
C PHE B 161 7.92 -26.88 -36.88
N LEU B 162 8.80 -26.80 -35.88
CA LEU B 162 8.40 -26.38 -34.55
C LEU B 162 7.93 -24.91 -34.52
N VAL B 163 6.75 -24.72 -33.95
CA VAL B 163 6.28 -23.35 -33.68
C VAL B 163 5.91 -23.23 -32.20
N TRP B 164 6.02 -22.00 -31.71
CA TRP B 164 5.55 -21.67 -30.38
C TRP B 164 4.13 -21.11 -30.49
N ARG B 165 3.25 -21.65 -29.66
CA ARG B 165 1.82 -21.40 -29.71
C ARG B 165 1.37 -20.84 -28.38
N TYR B 166 0.40 -19.91 -28.41
CA TYR B 166 -0.02 -19.22 -27.21
C TYR B 166 -1.51 -19.20 -27.17
N LEU B 167 -2.10 -19.65 -26.07
CA LEU B 167 -3.53 -19.48 -25.87
C LEU B 167 -3.79 -18.13 -25.19
N LEU B 168 -4.48 -17.24 -25.92
CA LEU B 168 -4.89 -15.97 -25.34
C LEU B 168 -6.38 -15.97 -25.13
N ARG B 169 -6.81 -15.31 -24.06
CA ARG B 169 -8.19 -15.33 -23.68
C ARG B 169 -8.60 -13.93 -23.27
N ARG B 170 -9.79 -13.52 -23.69
CA ARG B 170 -10.23 -12.13 -23.52
C ARG B 170 -10.52 -11.80 -22.05
N ASP B 171 -10.12 -10.62 -21.62
CA ASP B 171 -10.38 -10.20 -20.26
C ASP B 171 -10.58 -8.69 -20.29
N ASP B 172 -11.77 -8.28 -20.70
CA ASP B 172 -12.02 -6.87 -20.95
C ASP B 172 -13.47 -6.61 -20.66
N ASP B 173 -13.74 -5.49 -19.97
CA ASP B 173 -15.11 -5.08 -19.62
C ASP B 173 -15.90 -4.57 -20.83
N GLU B 174 -15.21 -4.01 -21.81
CA GLU B 174 -15.81 -3.61 -23.07
C GLU B 174 -16.16 -4.86 -23.88
N PRO B 175 -17.41 -4.96 -24.39
CA PRO B 175 -17.79 -6.19 -25.11
C PRO B 175 -17.11 -6.29 -26.47
N GLY B 176 -16.95 -7.52 -26.95
CA GLY B 176 -16.41 -7.80 -28.27
C GLY B 176 -17.19 -7.07 -29.35
N PRO B 177 -16.48 -6.49 -30.34
CA PRO B 177 -17.12 -5.71 -31.37
C PRO B 177 -17.98 -6.54 -32.29
N TRP B 178 -17.79 -7.85 -32.27
CA TRP B 178 -18.60 -8.76 -33.07
C TRP B 178 -19.90 -9.16 -32.36
N THR B 179 -20.01 -8.86 -31.08
CA THR B 179 -21.21 -9.18 -30.31
C THR B 179 -22.28 -8.13 -30.56
N LYS B 180 -23.54 -8.46 -30.26
CA LYS B 180 -24.62 -7.51 -30.45
C LYS B 180 -24.35 -6.23 -29.67
N GLU B 181 -23.83 -6.38 -28.45
CA GLU B 181 -23.59 -5.25 -27.55
C GLU B 181 -22.45 -4.40 -28.10
N GLY B 182 -21.42 -5.07 -28.62
CA GLY B 182 -20.28 -4.40 -29.23
C GLY B 182 -20.71 -3.61 -30.46
N LYS B 183 -21.54 -4.23 -31.27
CA LYS B 183 -22.05 -3.57 -32.45
C LYS B 183 -22.84 -2.31 -32.07
N ASP B 184 -23.65 -2.41 -31.02
CA ASP B 184 -24.44 -1.28 -30.51
C ASP B 184 -23.57 -0.16 -29.98
N ARG B 185 -22.53 -0.52 -29.25
CA ARG B 185 -21.64 0.47 -28.64
C ARG B 185 -20.87 1.21 -29.73
N ILE B 186 -20.41 0.48 -30.73
CA ILE B 186 -19.75 1.06 -31.89
C ILE B 186 -20.70 2.03 -32.59
N LYS B 187 -21.96 1.63 -32.73
CA LYS B 187 -22.97 2.46 -33.36
C LYS B 187 -23.23 3.73 -32.53
N LYS B 188 -23.38 3.61 -31.22
CA LYS B 188 -23.60 4.75 -30.33
C LYS B 188 -22.40 5.71 -30.34
N LEU B 189 -21.19 5.15 -30.25
CA LEU B 189 -19.96 5.92 -30.28
C LEU B 189 -19.65 6.53 -31.65
N GLY B 190 -20.37 6.07 -32.67
CA GLY B 190 -20.20 6.54 -34.05
C GLY B 190 -18.83 6.24 -34.63
N LEU B 191 -18.30 5.06 -34.31
CA LEU B 191 -16.96 4.69 -34.76
C LEU B 191 -16.96 4.28 -36.23
N THR B 192 -15.95 4.74 -36.95
CA THR B 192 -15.91 4.52 -38.38
C THR B 192 -14.48 4.44 -38.83
N MET B 193 -14.26 3.77 -39.94
CA MET B 193 -12.93 3.58 -40.52
C MET B 193 -12.19 4.92 -40.64
N GLN B 194 -11.01 5.02 -40.02
CA GLN B 194 -10.11 6.15 -40.23
C GLN B 194 -9.16 5.84 -41.37
N TYR B 195 -8.94 6.85 -42.20
CA TYR B 195 -8.00 6.78 -43.28
C TYR B 195 -6.92 7.80 -43.00
N PRO B 196 -5.68 7.56 -43.50
CA PRO B 196 -4.63 8.55 -43.26
C PRO B 196 -5.04 9.88 -43.83
N GLU B 197 -4.51 10.96 -43.26
CA GLU B 197 -4.71 12.29 -43.80
C GLU B 197 -4.32 12.30 -45.27
N GLY B 198 -5.26 12.68 -46.13
CA GLY B 198 -4.98 12.85 -47.54
C GLY B 198 -5.18 11.61 -48.39
N TYR B 199 -5.34 10.45 -47.74
CA TYR B 199 -5.53 9.19 -48.47
C TYR B 199 -6.73 9.19 -49.42
N LEU B 200 -7.89 9.63 -48.92
CA LEU B 200 -9.13 9.62 -49.72
C LEU B 200 -9.04 10.57 -50.90
N GLU B 201 -8.51 11.76 -50.66
CA GLU B 201 -8.33 12.74 -51.70
C GLU B 201 -7.37 12.23 -52.76
N ALA B 202 -6.30 11.57 -52.33
CA ALA B 202 -5.33 10.96 -53.21
C ALA B 202 -6.00 9.98 -54.15
N LEU B 203 -6.82 9.08 -53.60
CA LEU B 203 -7.54 8.10 -54.42
C LEU B 203 -8.46 8.80 -55.43
N ALA B 204 -9.07 9.91 -55.04
CA ALA B 204 -9.97 10.64 -55.93
C ALA B 204 -9.17 11.30 -57.06
N ASN B 205 -7.95 11.72 -56.75
CA ASN B 205 -6.98 12.21 -57.74
C ASN B 205 -6.52 11.13 -58.69
N ALA B 206 -6.15 9.95 -58.17
CA ALA B 206 -5.80 8.83 -59.04
C ALA B 206 -6.97 8.58 -59.97
N HIS B 207 -8.19 8.56 -59.42
CA HIS B 207 -9.38 8.28 -60.23
C HIS B 207 -9.80 9.35 -61.23
N HIS B 208 -9.62 10.63 -60.87
CA HIS B 208 -9.97 11.73 -61.78
C HIS B 208 -8.94 11.85 -62.91
N HIS B 209 -7.72 11.39 -62.65
CA HIS B 209 -6.69 11.29 -63.67
C HIS B 209 -6.89 10.04 -64.55
N HIS B 210 -7.52 9.01 -64.00
CA HIS B 210 -7.87 7.80 -64.77
C HIS B 210 -9.03 8.07 -65.73
N HIS B 211 -10.03 8.84 -65.28
CA HIS B 211 -11.09 9.33 -66.17
C HIS B 211 -10.58 10.36 -67.18
N HIS B 212 -9.39 10.10 -67.71
CA HIS B 212 -8.82 10.82 -68.84
C HIS B 212 -8.26 9.79 -69.81
N ASN C 4 29.39 -20.20 21.58
CA ASN C 4 30.65 -20.89 21.99
C ASN C 4 31.91 -20.11 21.60
N HIS C 5 32.36 -20.47 20.40
CA HIS C 5 33.69 -20.33 19.89
C HIS C 5 33.86 -19.07 19.05
N TYR C 6 34.90 -18.28 19.36
CA TYR C 6 35.41 -17.25 18.46
C TYR C 6 36.46 -17.83 17.53
N GLY C 7 36.47 -17.34 16.29
CA GLY C 7 37.48 -17.74 15.30
C GLY C 7 36.99 -18.89 14.43
N PRO C 8 37.85 -19.41 13.54
CA PRO C 8 37.49 -20.49 12.62
C PRO C 8 37.16 -21.79 13.35
N ILE C 9 36.30 -22.62 12.77
CA ILE C 9 36.06 -23.95 13.29
C ILE C 9 37.22 -24.80 12.77
N PRO C 10 37.98 -25.45 13.68
CA PRO C 10 39.14 -26.22 13.22
C PRO C 10 38.76 -27.16 12.07
N GLY C 11 39.51 -27.10 10.99
CA GLY C 11 39.35 -28.01 9.85
C GLY C 11 38.15 -27.79 8.96
N ILE C 12 37.55 -26.60 9.03
CA ILE C 12 36.55 -26.21 8.06
C ILE C 12 37.14 -25.03 7.29
N PRO C 13 37.70 -25.31 6.10
CA PRO C 13 38.41 -24.30 5.34
C PRO C 13 37.47 -23.27 4.71
N VAL C 14 37.98 -22.07 4.51
CA VAL C 14 37.30 -21.05 3.72
C VAL C 14 36.95 -21.66 2.37
N GLY C 15 35.75 -21.39 1.86
CA GLY C 15 35.33 -21.98 0.59
C GLY C 15 34.40 -23.16 0.74
N THR C 16 34.21 -23.64 1.98
CA THR C 16 33.26 -24.72 2.23
C THR C 16 31.84 -24.21 1.98
N MET C 17 31.04 -25.08 1.34
CA MET C 17 29.69 -24.76 0.86
C MET C 17 28.66 -25.76 1.40
N TRP C 18 27.50 -25.25 1.82
CA TRP C 18 26.38 -26.10 2.26
C TRP C 18 25.12 -25.54 1.65
N ARG C 19 24.24 -26.43 1.20
CA ARG C 19 23.04 -26.00 0.51
C ARG C 19 22.09 -25.22 1.42
N PHE C 20 21.94 -25.68 2.67
CA PHE C 20 20.94 -25.17 3.60
C PHE C 20 21.55 -24.64 4.89
N ARG C 21 20.94 -23.57 5.41
CA ARG C 21 21.37 -22.95 6.69
C ARG C 21 21.48 -23.97 7.85
N VAL C 22 20.56 -24.91 7.93
CA VAL C 22 20.63 -25.96 8.96
C VAL C 22 22.00 -26.70 8.95
N GLN C 23 22.57 -26.93 7.77
CA GLN C 23 23.86 -27.61 7.65
C GLN C 23 25.04 -26.78 8.14
N VAL C 24 24.93 -25.47 7.93
CA VAL C 24 25.92 -24.54 8.39
C VAL C 24 25.88 -24.53 9.91
N SER C 25 24.66 -24.63 10.46
CA SER C 25 24.48 -24.70 11.90
C SER C 25 25.09 -25.96 12.46
N GLU C 26 24.75 -27.10 11.84
N GLU C 26 24.81 -27.11 11.84
CA GLU C 26 25.31 -28.40 12.19
CA GLU C 26 25.33 -28.39 12.31
C GLU C 26 26.83 -28.32 12.32
C GLU C 26 26.86 -28.47 12.22
N SER C 27 27.46 -27.66 11.36
CA SER C 27 28.92 -27.56 11.24
C SER C 27 29.55 -26.74 12.38
N GLY C 28 28.78 -25.86 13.02
CA GLY C 28 29.30 -24.98 14.06
C GLY C 28 29.64 -23.60 13.54
N VAL C 29 29.73 -23.47 12.22
CA VAL C 29 30.13 -22.23 11.59
C VAL C 29 29.14 -21.08 11.89
N HIS C 30 27.84 -21.35 11.78
CA HIS C 30 26.82 -20.34 12.14
C HIS C 30 25.66 -21.04 12.80
N ARG C 31 25.66 -21.06 14.13
CA ARG C 31 24.69 -21.85 14.88
C ARG C 31 23.21 -21.51 14.67
N PRO C 32 22.83 -20.21 14.65
CA PRO C 32 21.41 -19.96 14.37
C PRO C 32 20.92 -20.55 13.04
N HIS C 33 19.73 -21.15 13.04
CA HIS C 33 19.15 -21.71 11.82
C HIS C 33 18.52 -20.64 10.95
N VAL C 34 18.21 -19.48 11.51
CA VAL C 34 17.50 -18.42 10.77
C VAL C 34 18.21 -17.07 10.90
N ALA C 35 18.51 -16.69 12.13
CA ALA C 35 19.09 -15.40 12.44
C ALA C 35 20.36 -15.11 11.66
N GLY C 36 20.51 -13.85 11.29
CA GLY C 36 21.71 -13.40 10.63
C GLY C 36 22.97 -13.38 11.49
N ILE C 37 22.84 -13.07 12.77
CA ILE C 37 23.98 -12.90 13.65
C ILE C 37 23.84 -13.91 14.77
N HIS C 38 24.93 -14.60 15.08
CA HIS C 38 25.01 -15.40 16.30
C HIS C 38 25.82 -14.62 17.30
N GLY C 39 25.23 -14.31 18.45
CA GLY C 39 25.93 -13.54 19.46
C GLY C 39 25.20 -13.37 20.78
N ARG C 40 25.97 -13.05 21.82
CA ARG C 40 25.44 -12.77 23.15
C ARG C 40 25.73 -11.34 23.51
N SER C 41 24.70 -10.67 24.01
CA SER C 41 24.67 -9.22 24.18
C SER C 41 25.64 -8.70 25.25
N ASN C 42 26.17 -9.63 26.05
CA ASN C 42 27.16 -9.26 27.04
C ASN C 42 28.54 -9.87 26.83
N ASP C 43 28.75 -10.45 25.65
CA ASP C 43 30.00 -11.13 25.31
C ASP C 43 30.44 -10.63 23.95
N GLY C 44 29.75 -11.07 22.90
CA GLY C 44 30.02 -10.64 21.55
C GLY C 44 29.46 -11.58 20.49
N ALA C 45 29.76 -11.27 19.24
CA ALA C 45 29.24 -12.03 18.10
C ALA C 45 30.30 -12.96 17.53
N TYR C 46 29.86 -14.18 17.17
CA TYR C 46 30.72 -15.25 16.70
C TYR C 46 30.65 -15.39 15.20
N SER C 47 29.46 -15.16 14.62
CA SER C 47 29.27 -15.33 13.18
C SER C 47 28.10 -14.49 12.66
N LEU C 48 28.07 -14.28 11.33
CA LEU C 48 26.94 -13.62 10.71
C LEU C 48 26.82 -14.11 9.28
N VAL C 49 25.63 -13.96 8.71
CA VAL C 49 25.30 -14.37 7.35
C VAL C 49 24.87 -13.17 6.52
N LEU C 50 25.42 -13.05 5.30
CA LEU C 50 24.95 -12.05 4.32
C LEU C 50 24.14 -12.87 3.34
N ALA C 51 22.86 -12.50 3.20
CA ALA C 51 21.88 -13.27 2.41
C ALA C 51 20.87 -12.34 1.79
N GLY C 52 21.23 -11.07 1.67
CA GLY C 52 20.34 -10.08 1.08
C GLY C 52 19.03 -9.86 1.80
N GLY C 53 18.98 -10.08 3.10
CA GLY C 53 17.73 -9.95 3.84
C GLY C 53 17.43 -8.50 4.25
N TYR C 54 18.47 -7.71 4.37
CA TYR C 54 18.33 -6.33 4.79
C TYR C 54 18.80 -5.44 3.68
N GLU C 55 17.92 -4.56 3.22
CA GLU C 55 18.23 -3.72 2.06
C GLU C 55 19.39 -2.76 2.27
N ASP C 56 19.74 -2.48 3.53
CA ASP C 56 20.87 -1.60 3.80
C ASP C 56 22.25 -2.32 3.84
N ASP C 57 22.29 -3.65 3.74
CA ASP C 57 23.57 -4.38 3.57
C ASP C 57 24.22 -3.89 2.29
N VAL C 58 25.49 -3.54 2.32
CA VAL C 58 26.22 -3.35 1.06
C VAL C 58 27.55 -4.13 1.10
N ASP C 59 27.70 -5.03 0.14
CA ASP C 59 28.77 -6.03 0.16
C ASP C 59 29.85 -5.69 -0.85
N HIS C 60 31.09 -5.55 -0.39
CA HIS C 60 32.22 -5.34 -1.30
C HIS C 60 33.28 -6.44 -1.19
N GLY C 61 32.88 -7.62 -0.72
CA GLY C 61 33.77 -8.79 -0.66
C GLY C 61 34.71 -8.67 0.50
N ASN C 62 35.83 -8.00 0.24
CA ASN C 62 36.84 -7.80 1.27
C ASN C 62 36.42 -6.91 2.45
N PHE C 63 35.38 -6.13 2.24
CA PHE C 63 34.77 -5.40 3.32
C PHE C 63 33.28 -5.22 2.99
N PHE C 64 32.46 -5.03 4.01
CA PHE C 64 31.05 -4.83 3.76
C PHE C 64 30.46 -4.06 4.89
N THR C 65 29.31 -3.47 4.62
CA THR C 65 28.58 -2.79 5.67
C THR C 65 27.38 -3.66 5.94
N TYR C 66 27.27 -4.15 7.17
CA TYR C 66 26.23 -5.08 7.60
C TYR C 66 25.14 -4.30 8.33
N THR C 67 23.92 -4.82 8.30
CA THR C 67 22.84 -4.17 9.01
C THR C 67 22.50 -4.97 10.23
N GLY C 68 22.17 -4.24 11.31
CA GLY C 68 21.64 -4.86 12.53
C GLY C 68 20.34 -5.59 12.23
N SER C 69 19.90 -6.47 13.14
CA SER C 69 18.58 -7.08 13.02
C SER C 69 17.48 -6.24 13.72
N GLY C 70 16.22 -6.61 13.50
CA GLY C 70 15.08 -5.96 14.12
C GLY C 70 14.73 -4.67 13.43
N GLY C 71 13.95 -3.82 14.08
CA GLY C 71 13.35 -2.65 13.41
C GLY C 71 12.15 -3.11 12.60
N ARG C 72 11.62 -4.28 12.94
CA ARG C 72 10.63 -5.00 12.15
C ARG C 72 9.50 -5.47 13.04
N ASP C 73 8.28 -5.44 12.51
CA ASP C 73 7.14 -6.04 13.18
C ASP C 73 7.04 -7.52 12.77
N LEU C 74 7.28 -8.43 13.71
CA LEU C 74 7.19 -9.86 13.36
C LEU C 74 5.92 -10.54 13.88
N SER C 75 4.92 -9.73 14.23
CA SER C 75 3.53 -10.20 14.47
C SER C 75 3.07 -11.22 13.43
N GLY C 76 2.35 -12.24 13.87
CA GLY C 76 1.83 -13.24 12.95
C GLY C 76 2.84 -14.35 12.75
N ASN C 77 3.74 -14.51 13.72
CA ASN C 77 4.75 -15.57 13.67
C ASN C 77 5.56 -15.46 12.39
N LYS C 78 6.02 -14.25 12.11
CA LYS C 78 6.97 -14.05 11.02
C LYS C 78 8.45 -14.29 11.40
N ARG C 79 9.30 -14.42 10.37
CA ARG C 79 10.74 -14.40 10.58
C ARG C 79 11.37 -13.18 9.96
N THR C 80 10.75 -12.60 8.93
CA THR C 80 11.25 -11.38 8.27
C THR C 80 10.12 -10.42 7.87
N ALA C 81 10.46 -9.14 7.69
CA ALA C 81 9.50 -8.11 7.32
C ALA C 81 10.25 -6.86 6.88
N GLU C 82 9.54 -5.91 6.33
CA GLU C 82 10.13 -4.63 6.02
C GLU C 82 10.41 -3.89 7.32
N GLN C 83 11.38 -2.97 7.28
CA GLN C 83 11.55 -2.03 8.41
C GLN C 83 10.25 -1.27 8.69
N SER C 84 9.82 -1.27 9.94
CA SER C 84 8.67 -0.47 10.37
C SER C 84 8.93 0.38 11.62
N CYS C 85 10.12 0.27 12.21
CA CYS C 85 10.56 1.13 13.32
C CYS C 85 12.08 1.14 13.43
N ASP C 86 12.60 2.05 14.25
CA ASP C 86 14.02 2.17 14.49
C ASP C 86 14.65 0.94 15.15
N GLN C 87 15.82 0.54 14.68
CA GLN C 87 16.58 -0.52 15.34
C GLN C 87 17.17 0.06 16.65
N LYS C 88 17.63 -0.85 17.52
CA LYS C 88 18.25 -0.54 18.80
C LYS C 88 19.54 -1.32 18.90
N LEU C 89 20.52 -0.76 19.62
CA LEU C 89 21.74 -1.49 19.87
C LEU C 89 21.55 -2.42 21.08
N THR C 90 20.77 -3.47 20.88
CA THR C 90 20.47 -4.48 21.91
C THR C 90 20.61 -5.85 21.26
N ASN C 91 20.45 -6.90 22.06
CA ASN C 91 20.47 -8.29 21.57
C ASN C 91 21.71 -8.54 20.73
N THR C 92 21.58 -9.15 19.54
CA THR C 92 22.74 -9.46 18.70
C THR C 92 23.33 -8.16 18.11
N ASN C 93 22.54 -7.11 17.99
CA ASN C 93 23.11 -5.84 17.57
C ASN C 93 24.17 -5.32 18.55
N ARG C 94 23.90 -5.48 19.83
CA ARG C 94 24.83 -5.09 20.87
C ARG C 94 26.03 -6.05 20.88
N ALA C 95 25.80 -7.34 20.67
CA ALA C 95 26.88 -8.32 20.66
C ALA C 95 27.92 -7.97 19.59
N LEU C 96 27.45 -7.68 18.36
CA LEU C 96 28.33 -7.36 17.24
C LEU C 96 29.13 -6.10 17.52
N ALA C 97 28.51 -5.10 18.15
CA ALA C 97 29.25 -3.89 18.51
C ALA C 97 30.37 -4.21 19.49
N LEU C 98 30.10 -5.11 20.43
CA LEU C 98 31.15 -5.53 21.36
C LEU C 98 32.42 -6.13 20.71
N ASN C 99 32.30 -6.70 19.51
CA ASN C 99 33.48 -7.16 18.76
C ASN C 99 34.44 -6.03 18.36
N CYS C 100 33.88 -4.84 18.19
CA CYS C 100 34.64 -3.66 17.85
C CYS C 100 35.60 -3.41 19.00
N PHE C 101 36.86 -3.17 18.69
CA PHE C 101 37.87 -2.94 19.74
C PHE C 101 37.78 -1.47 20.15
N ALA C 102 36.64 -1.09 20.71
CA ALA C 102 36.42 0.28 21.23
C ALA C 102 35.34 0.19 22.30
N PRO C 103 35.28 1.17 23.21
CA PRO C 103 34.19 1.15 24.20
C PRO C 103 32.82 1.21 23.50
N ILE C 104 31.87 0.44 24.02
CA ILE C 104 30.54 0.36 23.43
C ILE C 104 29.83 1.71 23.59
N ASN C 105 29.20 2.17 22.52
CA ASN C 105 28.48 3.43 22.55
C ASN C 105 27.19 3.23 21.77
N ASP C 106 26.06 3.25 22.47
CA ASP C 106 24.74 3.04 21.83
C ASP C 106 24.07 4.32 21.33
N GLN C 107 24.78 5.44 21.42
CA GLN C 107 24.25 6.70 20.91
C GLN C 107 24.80 6.99 19.51
N GLU C 108 26.09 7.25 19.39
CA GLU C 108 26.70 7.55 18.09
C GLU C 108 27.50 6.39 17.50
N GLY C 109 27.56 5.27 18.21
CA GLY C 109 28.41 4.17 17.81
C GLY C 109 29.88 4.46 18.12
N ALA C 110 30.76 3.58 17.65
CA ALA C 110 32.19 3.66 17.94
C ALA C 110 33.03 3.21 16.75
N GLU C 111 34.34 3.44 16.87
CA GLU C 111 35.31 3.07 15.86
C GLU C 111 36.62 2.65 16.49
N ALA C 112 37.08 1.46 16.14
CA ALA C 112 38.37 0.93 16.59
C ALA C 112 39.51 1.42 15.69
N LYS C 113 40.43 2.21 16.25
CA LYS C 113 41.68 2.55 15.55
C LYS C 113 42.54 1.32 15.30
N ASP C 114 42.49 0.36 16.22
CA ASP C 114 43.26 -0.82 16.07
C ASP C 114 42.27 -1.98 15.79
N TRP C 115 41.46 -1.82 14.75
CA TRP C 115 40.35 -2.73 14.46
C TRP C 115 40.73 -4.23 14.39
N ARG C 116 41.95 -4.53 13.96
CA ARG C 116 42.39 -5.94 13.82
C ARG C 116 42.50 -6.61 15.15
N SER C 117 42.53 -5.80 16.22
CA SER C 117 42.55 -6.34 17.58
C SER C 117 41.16 -6.72 18.08
N GLY C 118 40.10 -6.30 17.37
CA GLY C 118 38.73 -6.67 17.72
C GLY C 118 38.49 -8.19 17.73
N LYS C 119 37.30 -8.63 18.12
CA LYS C 119 37.00 -10.06 18.16
C LYS C 119 36.69 -10.59 16.75
N PRO C 120 37.14 -11.82 16.43
CA PRO C 120 36.83 -12.33 15.10
C PRO C 120 35.32 -12.65 14.89
N VAL C 121 34.82 -12.37 13.69
CA VAL C 121 33.50 -12.80 13.24
C VAL C 121 33.65 -13.76 12.07
N ARG C 122 33.08 -14.96 12.20
CA ARG C 122 33.00 -15.87 11.05
C ARG C 122 31.90 -15.42 10.07
N VAL C 123 32.25 -15.21 8.78
CA VAL C 123 31.27 -14.71 7.80
C VAL C 123 30.88 -15.77 6.77
N VAL C 124 29.57 -15.96 6.61
CA VAL C 124 29.04 -16.90 5.60
C VAL C 124 28.29 -16.07 4.57
N ARG C 125 28.56 -16.27 3.28
CA ARG C 125 27.73 -15.70 2.22
C ARG C 125 26.77 -16.74 1.65
N ASN C 126 25.55 -16.28 1.40
CA ASN C 126 24.44 -17.06 0.91
C ASN C 126 24.03 -16.51 -0.46
N VAL C 127 23.53 -17.43 -1.28
CA VAL C 127 23.14 -17.15 -2.66
C VAL C 127 22.21 -15.93 -2.83
N LYS C 128 21.28 -15.72 -1.90
CA LYS C 128 20.30 -14.66 -2.02
C LYS C 128 20.92 -13.27 -1.93
N GLY C 129 22.10 -13.16 -1.36
CA GLY C 129 22.86 -11.92 -1.43
C GLY C 129 23.23 -11.53 -2.85
N GLY C 130 22.95 -12.41 -3.81
CA GLY C 130 23.36 -12.25 -5.21
C GLY C 130 22.71 -11.09 -5.95
N LYS C 131 21.44 -10.83 -5.63
CA LYS C 131 20.67 -9.76 -6.30
C LYS C 131 21.42 -8.42 -6.30
N ASN C 132 22.11 -8.11 -5.21
CA ASN C 132 22.87 -6.88 -5.10
C ASN C 132 24.34 -7.06 -4.67
N SER C 133 24.94 -8.20 -5.03
CA SER C 133 26.34 -8.43 -4.70
C SER C 133 27.04 -9.39 -5.63
N LYS C 134 28.27 -9.04 -5.93
CA LYS C 134 29.12 -9.80 -6.83
C LYS C 134 29.81 -10.96 -6.13
N TYR C 135 29.76 -10.97 -4.80
CA TYR C 135 30.54 -11.92 -4.00
C TYR C 135 29.78 -13.13 -3.50
N ALA C 136 28.46 -13.10 -3.63
CA ALA C 136 27.57 -14.22 -3.27
C ALA C 136 27.86 -15.46 -4.10
N PRO C 137 27.76 -16.65 -3.50
CA PRO C 137 27.97 -17.87 -4.28
C PRO C 137 26.80 -18.11 -5.22
N ALA C 138 26.99 -19.00 -6.19
CA ALA C 138 25.95 -19.30 -7.19
C ALA C 138 24.79 -20.13 -6.62
N GLU C 139 25.05 -20.79 -5.49
CA GLU C 139 24.12 -21.73 -4.86
C GLU C 139 24.46 -21.79 -3.37
N GLY C 140 23.44 -21.92 -2.53
CA GLY C 140 23.67 -22.22 -1.12
C GLY C 140 24.49 -21.21 -0.34
N ASN C 141 25.31 -21.73 0.56
CA ASN C 141 26.02 -20.95 1.58
C ASN C 141 27.49 -21.27 1.54
N ARG C 142 28.31 -20.24 1.70
CA ARG C 142 29.74 -20.40 1.64
C ARG C 142 30.43 -19.74 2.81
N TYR C 143 31.34 -20.47 3.45
CA TYR C 143 32.21 -19.88 4.51
C TYR C 143 33.35 -19.07 3.93
N ASP C 144 33.38 -17.79 4.29
CA ASP C 144 34.29 -16.85 3.65
C ASP C 144 35.46 -16.38 4.52
N GLY C 145 35.52 -16.88 5.76
CA GLY C 145 36.65 -16.52 6.61
C GLY C 145 36.30 -15.52 7.68
N ILE C 146 37.31 -14.86 8.22
CA ILE C 146 37.21 -14.09 9.44
C ILE C 146 37.20 -12.60 9.08
N TYR C 147 36.22 -11.88 9.58
CA TYR C 147 36.17 -10.44 9.43
C TYR C 147 36.17 -9.80 10.83
N LYS C 148 36.40 -8.48 10.87
CA LYS C 148 36.48 -7.71 12.10
C LYS C 148 35.66 -6.42 11.95
N VAL C 149 35.13 -5.92 13.06
CA VAL C 149 34.25 -4.77 13.00
C VAL C 149 35.09 -3.48 13.14
N VAL C 150 35.27 -2.79 12.05
CA VAL C 150 36.04 -1.57 12.05
C VAL C 150 35.28 -0.50 12.86
N LYS C 151 33.99 -0.35 12.62
CA LYS C 151 33.20 0.67 13.30
C LYS C 151 31.73 0.36 13.07
N TYR C 152 30.86 0.94 13.88
CA TYR C 152 29.41 0.82 13.74
C TYR C 152 28.75 2.18 14.07
N TRP C 153 27.59 2.45 13.49
CA TRP C 153 26.94 3.76 13.69
C TRP C 153 25.46 3.65 13.35
N PRO C 154 24.64 4.55 13.91
CA PRO C 154 23.24 4.56 13.51
C PRO C 154 23.02 5.50 12.34
N GLU C 155 22.18 5.10 11.38
CA GLU C 155 21.70 6.07 10.39
C GLU C 155 20.38 5.67 9.79
N LYS C 156 19.69 6.65 9.19
CA LYS C 156 18.45 6.42 8.45
C LYS C 156 18.68 5.43 7.29
N GLY C 157 17.93 4.34 7.26
CA GLY C 157 18.10 3.37 6.18
C GLY C 157 17.28 3.76 4.96
N LYS C 158 17.28 2.88 3.95
CA LYS C 158 16.50 3.12 2.75
C LYS C 158 15.02 3.29 3.02
N SER C 159 14.53 2.60 4.05
CA SER C 159 13.13 2.70 4.49
C SER C 159 12.78 4.00 5.22
N GLY C 160 13.78 4.73 5.71
CA GLY C 160 13.53 5.98 6.41
C GLY C 160 13.62 5.85 7.93
N PHE C 161 13.72 4.61 8.39
CA PHE C 161 13.88 4.30 9.81
C PHE C 161 15.35 4.14 10.17
N LEU C 162 15.69 4.42 11.42
CA LEU C 162 17.06 4.20 11.89
C LEU C 162 17.43 2.70 11.82
N VAL C 163 18.61 2.44 11.26
CA VAL C 163 19.26 1.12 11.32
C VAL C 163 20.66 1.25 11.93
N TRP C 164 21.11 0.21 12.63
CA TRP C 164 22.51 0.11 13.05
C TRP C 164 23.32 -0.57 11.95
N ARG C 165 24.42 0.08 11.59
CA ARG C 165 25.29 -0.35 10.48
C ARG C 165 26.68 -0.64 11.01
N TYR C 166 27.31 -1.67 10.46
CA TYR C 166 28.64 -2.13 10.94
C TYR C 166 29.53 -2.27 9.72
N LEU C 167 30.66 -1.57 9.69
CA LEU C 167 31.64 -1.82 8.65
C LEU C 167 32.51 -3.01 9.11
N LEU C 168 32.46 -4.10 8.35
CA LEU C 168 33.34 -5.25 8.62
C LEU C 168 34.39 -5.41 7.54
N ARG C 169 35.60 -5.80 7.93
CA ARG C 169 36.70 -5.89 7.04
C ARG C 169 37.43 -7.23 7.23
N ARG C 170 37.86 -7.83 6.13
CA ARG C 170 38.39 -9.18 6.19
C ARG C 170 39.75 -9.22 6.89
N ASP C 171 39.94 -10.21 7.73
CA ASP C 171 41.22 -10.33 8.39
C ASP C 171 41.56 -11.80 8.55
N ASP C 172 42.02 -12.38 7.44
CA ASP C 172 42.12 -13.82 7.32
C ASP C 172 43.23 -14.26 6.35
N ASP C 173 44.14 -15.11 6.85
CA ASP C 173 45.21 -15.72 6.05
C ASP C 173 44.74 -16.56 4.84
N GLU C 174 43.64 -17.30 5.00
CA GLU C 174 43.02 -18.02 3.90
C GLU C 174 42.47 -17.01 2.88
N PRO C 175 42.83 -17.17 1.59
CA PRO C 175 42.37 -16.23 0.55
C PRO C 175 40.86 -16.34 0.30
N GLY C 176 40.23 -15.23 -0.04
CA GLY C 176 38.81 -15.18 -0.31
C GLY C 176 38.46 -16.06 -1.48
N PRO C 177 37.34 -16.77 -1.42
CA PRO C 177 37.02 -17.77 -2.44
C PRO C 177 36.77 -17.21 -3.84
N TRP C 178 36.62 -15.89 -3.97
CA TRP C 178 36.38 -15.28 -5.27
C TRP C 178 37.71 -14.86 -5.94
N THR C 179 38.82 -15.01 -5.23
CA THR C 179 40.12 -14.64 -5.80
C THR C 179 40.68 -15.84 -6.52
N LYS C 180 41.72 -15.61 -7.31
CA LYS C 180 42.39 -16.70 -8.03
C LYS C 180 42.95 -17.74 -7.05
N GLU C 181 43.67 -17.30 -6.02
CA GLU C 181 44.27 -18.25 -5.08
C GLU C 181 43.17 -18.99 -4.33
N GLY C 182 42.08 -18.26 -4.04
CA GLY C 182 40.91 -18.85 -3.39
C GLY C 182 40.34 -19.99 -4.21
N LYS C 183 40.18 -19.75 -5.52
CA LYS C 183 39.59 -20.73 -6.42
C LYS C 183 40.50 -21.95 -6.58
N ASP C 184 41.81 -21.68 -6.58
CA ASP C 184 42.82 -22.75 -6.65
C ASP C 184 42.75 -23.67 -5.43
N ARG C 185 42.72 -23.07 -4.25
CA ARG C 185 42.59 -23.82 -3.01
C ARG C 185 41.38 -24.74 -3.05
N ILE C 186 40.22 -24.16 -3.34
CA ILE C 186 38.96 -24.89 -3.41
C ILE C 186 39.07 -26.05 -4.39
N LYS C 187 39.63 -25.79 -5.56
CA LYS C 187 39.82 -26.80 -6.58
C LYS C 187 40.72 -27.92 -6.06
N LYS C 188 41.83 -27.55 -5.43
CA LYS C 188 42.82 -28.49 -4.88
C LYS C 188 42.23 -29.37 -3.76
N LEU C 189 41.40 -28.75 -2.92
CA LEU C 189 40.69 -29.45 -1.84
C LEU C 189 39.46 -30.23 -2.30
N GLY C 190 39.03 -29.98 -3.54
CA GLY C 190 37.82 -30.61 -4.07
C GLY C 190 36.59 -30.23 -3.26
N LEU C 191 36.52 -28.99 -2.81
CA LEU C 191 35.36 -28.53 -2.07
C LEU C 191 34.20 -28.45 -3.04
N THR C 192 33.07 -29.00 -2.60
CA THR C 192 31.89 -29.09 -3.43
C THR C 192 30.65 -28.90 -2.56
N MET C 193 29.56 -28.45 -3.18
CA MET C 193 28.32 -28.24 -2.43
C MET C 193 27.98 -29.46 -1.55
N GLN C 194 27.74 -29.21 -0.27
CA GLN C 194 27.32 -30.25 0.66
C GLN C 194 25.80 -30.24 0.75
N TYR C 195 25.20 -31.42 0.63
CA TYR C 195 23.75 -31.60 0.69
C TYR C 195 23.36 -32.45 1.89
N PRO C 196 22.17 -32.20 2.48
CA PRO C 196 21.76 -33.05 3.59
C PRO C 196 21.69 -34.52 3.17
N GLU C 197 22.00 -35.42 4.11
CA GLU C 197 21.97 -36.85 3.86
C GLU C 197 20.58 -37.21 3.31
N GLY C 198 20.56 -37.83 2.13
CA GLY C 198 19.32 -38.27 1.51
C GLY C 198 18.67 -37.28 0.56
N TYR C 199 19.07 -36.01 0.66
CA TYR C 199 18.43 -34.91 -0.08
C TYR C 199 18.39 -35.08 -1.59
N LEU C 200 19.54 -35.43 -2.18
CA LEU C 200 19.64 -35.62 -3.63
C LEU C 200 18.82 -36.79 -4.15
N GLU C 201 18.87 -37.91 -3.41
CA GLU C 201 18.08 -39.11 -3.75
C GLU C 201 16.59 -38.78 -3.80
N ALA C 202 16.13 -37.90 -2.91
CA ALA C 202 14.75 -37.44 -2.89
C ALA C 202 14.43 -36.59 -4.12
N LEU C 203 15.36 -35.74 -4.54
CA LEU C 203 15.20 -34.98 -5.79
C LEU C 203 15.22 -35.85 -7.03
N ALA C 204 15.83 -37.04 -6.91
CA ALA C 204 15.84 -38.03 -7.99
C ALA C 204 14.46 -38.63 -8.22
N ASN C 205 13.49 -38.12 -7.46
CA ASN C 205 12.09 -38.46 -7.66
C ASN C 205 11.35 -37.34 -8.39
N ALA C 206 11.86 -37.00 -9.56
CA ALA C 206 11.20 -36.12 -10.50
C ALA C 206 10.54 -37.04 -11.54
N HIS C 207 9.43 -37.66 -11.14
CA HIS C 207 8.79 -38.72 -11.92
C HIS C 207 7.73 -38.19 -12.90
N ASN D 4 -4.30 28.73 32.42
CA ASN D 4 -3.09 28.53 33.30
C ASN D 4 -1.71 28.96 32.70
N HIS D 5 -1.20 28.17 31.74
CA HIS D 5 0.09 28.38 31.04
C HIS D 5 0.33 29.65 30.18
N TYR D 6 1.44 30.35 30.44
CA TYR D 6 1.99 31.39 29.57
C TYR D 6 3.02 30.85 28.58
N GLY D 7 3.02 31.36 27.36
CA GLY D 7 4.02 30.99 26.37
C GLY D 7 3.59 29.81 25.52
N PRO D 8 4.49 29.33 24.63
CA PRO D 8 4.16 28.24 23.70
C PRO D 8 3.83 26.91 24.40
N ILE D 9 3.00 26.10 23.75
CA ILE D 9 2.71 24.79 24.29
C ILE D 9 3.78 23.84 23.75
N PRO D 10 4.51 23.15 24.66
CA PRO D 10 5.52 22.17 24.21
C PRO D 10 4.91 21.20 23.18
N GLY D 11 5.64 20.95 22.09
CA GLY D 11 5.16 20.07 21.03
C GLY D 11 4.26 20.67 19.98
N ILE D 12 3.86 21.94 20.14
CA ILE D 12 2.97 22.58 19.17
C ILE D 12 3.67 23.74 18.46
N PRO D 13 4.24 23.47 17.27
CA PRO D 13 5.00 24.51 16.61
C PRO D 13 4.11 25.50 15.87
N VAL D 14 4.64 26.69 15.64
CA VAL D 14 3.99 27.66 14.77
C VAL D 14 3.61 27.00 13.44
N GLY D 15 2.36 27.18 13.02
CA GLY D 15 1.89 26.69 11.71
C GLY D 15 0.97 25.48 11.80
N THR D 16 0.89 24.91 13.01
CA THR D 16 -0.06 23.84 13.35
C THR D 16 -1.49 24.31 13.09
N MET D 17 -2.27 23.43 12.47
CA MET D 17 -3.62 23.78 12.00
C MET D 17 -4.71 22.85 12.55
N TRP D 18 -5.85 23.44 12.90
CA TRP D 18 -7.02 22.68 13.36
C TRP D 18 -8.25 23.18 12.69
N ARG D 19 -9.13 22.26 12.28
CA ARG D 19 -10.36 22.65 11.60
C ARG D 19 -11.30 23.48 12.49
N PHE D 20 -11.41 23.10 13.76
CA PHE D 20 -12.42 23.66 14.68
C PHE D 20 -11.82 24.17 15.99
N ARG D 21 -12.37 25.29 16.47
CA ARG D 21 -11.99 25.87 17.77
C ARG D 21 -11.88 24.83 18.92
N VAL D 22 -12.79 23.86 18.96
CA VAL D 22 -12.78 22.85 20.04
C VAL D 22 -11.42 22.12 20.09
N GLN D 23 -10.84 21.90 18.91
CA GLN D 23 -9.52 21.26 18.79
C GLN D 23 -8.41 22.21 19.20
N VAL D 24 -8.54 23.50 18.91
CA VAL D 24 -7.55 24.42 19.42
C VAL D 24 -7.56 24.34 20.95
N SER D 25 -8.75 24.17 21.51
CA SER D 25 -8.92 24.13 22.95
C SER D 25 -8.31 22.88 23.56
N GLU D 26 -8.65 21.72 22.98
CA GLU D 26 -8.09 20.45 23.42
C GLU D 26 -6.57 20.45 23.41
N SER D 27 -5.94 21.14 22.45
CA SER D 27 -4.48 21.17 22.38
C SER D 27 -3.87 22.02 23.51
N GLY D 28 -4.66 22.90 24.11
CA GLY D 28 -4.13 23.77 25.14
C GLY D 28 -3.79 25.17 24.63
N VAL D 29 -3.69 25.31 23.31
CA VAL D 29 -3.26 26.58 22.70
C VAL D 29 -4.26 27.71 22.95
N HIS D 30 -5.55 27.40 22.86
CA HIS D 30 -6.54 28.40 23.22
C HIS D 30 -7.73 27.69 23.83
N ARG D 31 -7.77 27.73 25.15
CA ARG D 31 -8.73 26.96 25.92
C ARG D 31 -10.20 27.28 25.72
N PRO D 32 -10.58 28.59 25.69
CA PRO D 32 -12.00 28.88 25.44
C PRO D 32 -12.47 28.33 24.10
N HIS D 33 -13.67 27.76 24.09
CA HIS D 33 -14.25 27.18 22.87
C HIS D 33 -14.88 28.23 21.98
N VAL D 34 -15.22 29.39 22.55
CA VAL D 34 -15.91 30.45 21.81
C VAL D 34 -15.18 31.78 21.96
N ALA D 35 -14.87 32.17 23.19
CA ALA D 35 -14.27 33.48 23.47
C ALA D 35 -13.04 33.78 22.64
N GLY D 36 -12.90 35.06 22.26
CA GLY D 36 -11.67 35.58 21.66
C GLY D 36 -10.41 35.49 22.53
N ILE D 37 -10.52 35.89 23.80
CA ILE D 37 -9.38 36.07 24.67
C ILE D 37 -9.50 35.05 25.76
N HIS D 38 -8.41 34.38 26.08
CA HIS D 38 -8.35 33.58 27.29
C HIS D 38 -7.54 34.36 28.32
N GLY D 39 -8.16 34.71 29.45
CA GLY D 39 -7.46 35.45 30.47
C GLY D 39 -8.17 35.50 31.82
N ARG D 40 -7.38 35.75 32.87
CA ARG D 40 -7.91 36.07 34.20
C ARG D 40 -7.64 37.54 34.53
N SER D 41 -8.63 38.23 35.06
CA SER D 41 -8.59 39.70 35.18
C SER D 41 -7.65 40.21 36.24
N ASN D 42 -7.11 39.31 37.06
CA ASN D 42 -6.09 39.67 38.04
C ASN D 42 -4.75 39.03 37.79
N ASP D 43 -4.60 38.40 36.62
CA ASP D 43 -3.37 37.72 36.26
C ASP D 43 -2.84 38.23 34.92
N GLY D 44 -3.48 37.81 33.84
CA GLY D 44 -3.14 38.27 32.50
C GLY D 44 -3.87 37.42 31.47
N ALA D 45 -3.58 37.63 30.19
CA ALA D 45 -4.14 36.87 29.08
C ALA D 45 -3.12 35.85 28.52
N TYR D 46 -3.58 34.64 28.22
CA TYR D 46 -2.67 33.56 27.79
C TYR D 46 -2.66 33.37 26.29
N SER D 47 -3.77 33.71 25.62
CA SER D 47 -3.90 33.49 24.18
C SER D 47 -5.10 34.24 23.65
N LEU D 48 -5.16 34.44 22.33
CA LEU D 48 -6.31 35.08 21.69
C LEU D 48 -6.47 34.61 20.24
N VAL D 49 -7.63 34.89 19.66
CA VAL D 49 -7.96 34.38 18.33
C VAL D 49 -8.39 35.54 17.46
N LEU D 50 -7.80 35.66 16.28
CA LEU D 50 -8.29 36.61 15.26
C LEU D 50 -9.18 35.88 14.28
N ALA D 51 -10.49 36.15 14.29
CA ALA D 51 -11.43 35.43 13.45
C ALA D 51 -12.42 36.38 12.78
N GLY D 52 -12.02 37.64 12.63
CA GLY D 52 -12.88 38.64 12.03
C GLY D 52 -14.20 38.89 12.72
N GLY D 53 -14.29 38.54 14.01
CA GLY D 53 -15.53 38.71 14.77
C GLY D 53 -15.86 40.17 15.15
N TYR D 54 -14.86 41.02 15.24
CA TYR D 54 -15.04 42.43 15.66
C TYR D 54 -14.54 43.33 14.57
N GLU D 55 -15.39 44.24 14.09
CA GLU D 55 -15.05 45.05 12.91
C GLU D 55 -13.88 46.01 13.13
N ASP D 56 -13.57 46.31 14.39
CA ASP D 56 -12.42 47.13 14.72
C ASP D 56 -11.06 46.39 14.75
N ASP D 57 -11.07 45.06 14.67
CA ASP D 57 -9.82 44.29 14.47
C ASP D 57 -9.16 44.75 13.17
N VAL D 58 -7.86 45.03 13.20
CA VAL D 58 -7.10 45.23 11.95
C VAL D 58 -5.76 44.49 11.97
N ASP D 59 -5.62 43.56 11.02
CA ASP D 59 -4.52 42.59 11.03
C ASP D 59 -3.44 42.95 10.02
N HIS D 60 -2.23 43.22 10.51
CA HIS D 60 -1.07 43.40 9.65
C HIS D 60 -0.01 42.29 9.77
N GLY D 61 -0.40 41.10 10.21
CA GLY D 61 0.55 39.99 10.24
C GLY D 61 1.47 40.10 11.45
N ASN D 62 2.62 40.71 11.25
CA ASN D 62 3.55 40.93 12.34
C ASN D 62 3.10 41.79 13.50
N PHE D 63 2.09 42.61 13.26
CA PHE D 63 1.42 43.35 14.31
C PHE D 63 -0.05 43.45 13.95
N PHE D 64 -0.89 43.74 14.93
CA PHE D 64 -2.30 43.90 14.69
C PHE D 64 -2.92 44.68 15.80
N THR D 65 -4.07 45.27 15.53
CA THR D 65 -4.78 45.99 16.56
C THR D 65 -5.98 45.13 16.85
N TYR D 66 -6.05 44.64 18.08
CA TYR D 66 -7.06 43.68 18.51
C TYR D 66 -8.14 44.48 19.24
N THR D 67 -9.37 43.98 19.18
CA THR D 67 -10.45 44.63 19.90
C THR D 67 -10.79 43.82 21.12
N GLY D 68 -11.02 44.54 22.21
CA GLY D 68 -11.64 43.97 23.41
C GLY D 68 -12.93 43.23 23.11
N SER D 69 -13.43 42.49 24.08
CA SER D 69 -14.72 41.81 23.93
C SER D 69 -15.86 42.60 24.61
N GLY D 70 -17.09 42.15 24.41
CA GLY D 70 -18.25 42.80 25.01
C GLY D 70 -18.61 44.11 24.34
N GLY D 71 -19.33 44.97 25.05
CA GLY D 71 -19.97 46.14 24.44
C GLY D 71 -21.14 45.69 23.59
N ARG D 72 -21.67 44.51 23.90
CA ARG D 72 -22.64 43.84 23.07
C ARG D 72 -23.80 43.45 23.96
N ASP D 73 -25.00 43.41 23.39
CA ASP D 73 -26.15 42.84 24.07
C ASP D 73 -26.29 41.37 23.67
N LEU D 74 -26.00 40.44 24.57
CA LEU D 74 -26.10 39.02 24.24
C LEU D 74 -27.42 38.37 24.69
N SER D 75 -28.40 39.20 25.07
CA SER D 75 -29.79 38.77 25.36
C SER D 75 -30.33 37.72 24.40
N GLY D 76 -31.07 36.77 24.93
CA GLY D 76 -31.59 35.68 24.10
C GLY D 76 -30.56 34.62 23.78
N ASN D 77 -29.59 34.46 24.69
CA ASN D 77 -28.63 33.38 24.60
C ASN D 77 -27.78 33.43 23.32
N LYS D 78 -27.32 34.65 23.02
CA LYS D 78 -26.42 34.87 21.88
C LYS D 78 -24.96 34.66 22.26
N ARG D 79 -24.09 34.42 21.28
CA ARG D 79 -22.65 34.40 21.54
C ARG D 79 -21.98 35.63 20.94
N THR D 80 -22.56 36.17 19.87
CA THR D 80 -22.02 37.34 19.19
C THR D 80 -23.18 38.27 18.82
N ALA D 81 -22.87 39.56 18.67
CA ALA D 81 -23.84 40.59 18.38
C ALA D 81 -23.08 41.79 17.87
N GLU D 82 -23.79 42.79 17.36
CA GLU D 82 -23.17 44.03 16.97
C GLU D 82 -22.93 44.86 18.22
N GLN D 83 -22.00 45.82 18.12
CA GLN D 83 -21.78 46.79 19.20
C GLN D 83 -23.05 47.60 19.48
N SER D 84 -23.40 47.73 20.76
CA SER D 84 -24.59 48.50 21.17
C SER D 84 -24.35 49.32 22.45
N CYS D 85 -23.16 49.20 23.04
CA CYS D 85 -22.76 50.01 24.17
C CYS D 85 -21.25 49.99 24.33
N ASP D 86 -20.73 50.89 25.18
CA ASP D 86 -19.29 51.02 25.40
C ASP D 86 -18.67 49.80 26.04
N GLN D 87 -17.45 49.47 25.63
CA GLN D 87 -16.71 48.38 26.24
C GLN D 87 -16.11 48.91 27.57
N LYS D 88 -15.66 47.99 28.43
CA LYS D 88 -15.09 48.31 29.73
C LYS D 88 -13.79 47.54 29.85
N LEU D 89 -12.82 48.08 30.61
CA LEU D 89 -11.58 47.35 30.81
C LEU D 89 -11.74 46.43 32.01
N THR D 90 -12.52 45.39 31.81
CA THR D 90 -12.84 44.43 32.85
C THR D 90 -12.73 43.06 32.24
N ASN D 91 -12.93 42.04 33.08
CA ASN D 91 -12.83 40.66 32.70
C ASN D 91 -11.62 40.40 31.83
N THR D 92 -11.88 39.97 30.62
CA THR D 92 -10.87 39.42 29.76
C THR D 92 -10.05 40.58 29.14
N ASN D 93 -10.71 41.72 28.99
CA ASN D 93 -10.08 42.93 28.52
C ASN D 93 -9.03 43.45 29.52
N ARG D 94 -9.35 43.35 30.80
CA ARG D 94 -8.43 43.68 31.87
C ARG D 94 -7.23 42.72 31.83
N ALA D 95 -7.48 41.44 31.61
CA ALA D 95 -6.42 40.44 31.59
C ALA D 95 -5.38 40.78 30.53
N LEU D 96 -5.87 41.15 29.34
CA LEU D 96 -4.99 41.46 28.21
C LEU D 96 -4.20 42.75 28.45
N ALA D 97 -4.81 43.72 29.13
CA ALA D 97 -4.08 44.96 29.47
C ALA D 97 -2.93 44.64 30.43
N LEU D 98 -3.15 43.66 31.30
CA LEU D 98 -2.14 43.30 32.28
C LEU D 98 -0.87 42.71 31.65
N ASN D 99 -0.95 42.16 30.44
CA ASN D 99 0.22 41.65 29.71
C ASN D 99 1.18 42.78 29.29
N CYS D 100 0.63 43.98 29.15
CA CYS D 100 1.39 45.16 28.76
C CYS D 100 2.33 45.56 29.88
N PHE D 101 3.60 45.78 29.56
CA PHE D 101 4.63 46.04 30.59
C PHE D 101 4.59 47.50 31.00
N ALA D 102 3.48 47.85 31.64
CA ALA D 102 3.16 49.22 32.06
C ALA D 102 2.06 49.11 33.10
N PRO D 103 1.98 50.07 34.04
CA PRO D 103 0.90 49.98 35.02
C PRO D 103 -0.47 50.10 34.36
N ILE D 104 -1.42 49.32 34.85
CA ILE D 104 -2.75 49.29 34.28
C ILE D 104 -3.47 50.63 34.47
N ASN D 105 -4.16 51.04 33.42
CA ASN D 105 -4.88 52.29 33.43
C ASN D 105 -6.17 52.09 32.64
N ASP D 106 -7.29 52.04 33.36
CA ASP D 106 -8.56 51.81 32.67
C ASP D 106 -9.25 53.09 32.20
N GLN D 107 -8.51 54.20 32.19
CA GLN D 107 -9.03 55.47 31.72
C GLN D 107 -8.44 55.86 30.36
N GLU D 108 -7.10 55.96 30.29
CA GLU D 108 -6.40 56.35 29.07
C GLU D 108 -5.78 55.14 28.39
N GLY D 109 -5.68 54.04 29.11
CA GLY D 109 -4.85 52.95 28.65
C GLY D 109 -3.39 53.24 28.98
N ALA D 110 -2.50 52.43 28.44
CA ALA D 110 -1.07 52.51 28.75
C ALA D 110 -0.24 52.06 27.57
N GLU D 111 1.05 52.39 27.61
CA GLU D 111 1.99 51.93 26.60
C GLU D 111 3.27 51.42 27.26
N ALA D 112 3.75 50.25 26.86
CA ALA D 112 4.98 49.73 27.40
C ALA D 112 6.13 50.22 26.54
N LYS D 113 7.02 51.05 27.10
CA LYS D 113 8.26 51.37 26.35
C LYS D 113 9.21 50.17 26.23
N ASP D 114 9.14 49.23 27.16
CA ASP D 114 9.93 47.97 27.00
C ASP D 114 8.99 46.81 26.69
N TRP D 115 8.20 46.93 25.63
CA TRP D 115 7.09 45.98 25.39
C TRP D 115 7.49 44.48 25.31
N ARG D 116 8.72 44.20 24.93
CA ARG D 116 9.18 42.80 24.76
C ARG D 116 9.24 42.08 26.11
N SER D 117 9.36 42.86 27.17
CA SER D 117 9.34 42.32 28.53
C SER D 117 7.95 41.99 29.06
N GLY D 118 6.90 42.27 28.29
CA GLY D 118 5.54 42.01 28.76
C GLY D 118 5.21 40.53 28.67
N LYS D 119 3.98 40.18 29.05
CA LYS D 119 3.59 38.79 29.12
C LYS D 119 3.27 38.27 27.71
N PRO D 120 3.72 37.04 27.40
CA PRO D 120 3.47 36.49 26.06
C PRO D 120 2.00 36.16 25.82
N VAL D 121 1.53 36.37 24.59
CA VAL D 121 0.20 35.96 24.16
C VAL D 121 0.32 35.03 22.99
N ARG D 122 -0.21 33.82 23.12
CA ARG D 122 -0.33 32.89 22.02
C ARG D 122 -1.40 33.34 21.03
N VAL D 123 -1.05 33.48 19.75
CA VAL D 123 -2.02 33.96 18.74
C VAL D 123 -2.42 32.89 17.72
N VAL D 124 -3.73 32.70 17.58
CA VAL D 124 -4.30 31.82 16.57
C VAL D 124 -5.06 32.66 15.56
N ARG D 125 -4.80 32.45 14.28
CA ARG D 125 -5.62 33.02 13.23
C ARG D 125 -6.60 32.01 12.67
N ASN D 126 -7.81 32.50 12.43
CA ASN D 126 -8.90 31.70 11.94
C ASN D 126 -9.30 32.22 10.56
N VAL D 127 -9.74 31.28 9.71
CA VAL D 127 -10.13 31.53 8.31
C VAL D 127 -11.09 32.73 8.14
N LYS D 128 -12.01 32.92 9.08
CA LYS D 128 -13.03 33.96 8.95
C LYS D 128 -12.42 35.36 9.04
N GLY D 129 -11.20 35.47 9.56
CA GLY D 129 -10.43 36.72 9.51
C GLY D 129 -10.09 37.18 8.09
N GLY D 130 -10.29 36.30 7.10
CA GLY D 130 -9.81 36.51 5.74
C GLY D 130 -10.55 37.53 4.90
N LYS D 131 -11.76 37.91 5.33
CA LYS D 131 -12.53 38.96 4.65
C LYS D 131 -11.78 40.29 4.66
N ASN D 132 -11.12 40.59 5.79
CA ASN D 132 -10.37 41.83 5.94
C ASN D 132 -8.93 41.60 6.43
N SER D 133 -8.34 40.51 5.95
CA SER D 133 -6.96 40.17 6.29
C SER D 133 -6.26 39.23 5.31
N LYS D 134 -5.07 39.65 4.96
CA LYS D 134 -4.15 38.93 4.09
C LYS D 134 -3.50 37.70 4.80
N TYR D 135 -3.54 37.67 6.14
CA TYR D 135 -2.77 36.69 6.94
C TYR D 135 -3.54 35.47 7.47
N ALA D 136 -4.86 35.51 7.34
CA ALA D 136 -5.74 34.37 7.65
C ALA D 136 -5.41 33.11 6.83
N PRO D 137 -5.52 31.94 7.47
CA PRO D 137 -5.34 30.70 6.72
C PRO D 137 -6.55 30.46 5.80
N ALA D 138 -6.38 29.54 4.85
CA ALA D 138 -7.42 29.24 3.85
C ALA D 138 -8.59 28.43 4.41
N GLU D 139 -8.33 27.78 5.55
CA GLU D 139 -9.23 26.84 6.19
C GLU D 139 -8.87 26.84 7.69
N GLY D 140 -9.85 26.69 8.56
CA GLY D 140 -9.60 26.41 9.96
C GLY D 140 -8.83 27.45 10.74
N ASN D 141 -8.05 26.94 11.69
CA ASN D 141 -7.35 27.77 12.67
C ASN D 141 -5.89 27.39 12.60
N ARG D 142 -5.03 28.38 12.78
CA ARG D 142 -3.60 28.12 12.69
C ARG D 142 -2.90 28.87 13.80
N TYR D 143 -1.98 28.17 14.48
CA TYR D 143 -1.13 28.81 15.51
C TYR D 143 0.01 29.65 14.95
N ASP D 144 -0.03 30.95 15.24
CA ASP D 144 0.88 31.87 14.61
C ASP D 144 2.04 32.32 15.52
N GLY D 145 2.07 31.84 16.77
CA GLY D 145 3.18 32.14 17.66
C GLY D 145 2.94 33.23 18.69
N ILE D 146 4.02 33.68 19.32
CA ILE D 146 3.94 34.58 20.47
C ILE D 146 3.92 36.02 20.05
N TYR D 147 2.95 36.76 20.57
CA TYR D 147 2.87 38.20 20.42
C TYR D 147 2.86 38.89 21.79
N LYS D 148 3.15 40.19 21.80
CA LYS D 148 3.18 41.02 23.01
C LYS D 148 2.36 42.30 22.86
N VAL D 149 1.81 42.79 23.95
CA VAL D 149 0.99 44.00 23.90
C VAL D 149 1.88 45.23 24.03
N VAL D 150 1.92 46.02 22.98
CA VAL D 150 2.74 47.24 23.00
C VAL D 150 2.00 48.28 23.81
N LYS D 151 0.72 48.43 23.52
CA LYS D 151 -0.11 49.46 24.14
C LYS D 151 -1.58 49.13 23.90
N TYR D 152 -2.44 49.81 24.66
CA TYR D 152 -3.89 49.63 24.56
C TYR D 152 -4.55 50.95 24.95
N TRP D 153 -5.74 51.22 24.40
CA TRP D 153 -6.36 52.55 24.54
C TRP D 153 -7.85 52.48 24.20
N PRO D 154 -8.67 53.32 24.85
CA PRO D 154 -10.08 53.38 24.45
C PRO D 154 -10.21 54.22 23.20
N GLU D 155 -11.08 53.83 22.27
CA GLU D 155 -11.53 54.78 21.25
C GLU D 155 -12.88 54.41 20.67
N LYS D 156 -13.51 55.40 20.00
CA LYS D 156 -14.78 55.20 19.29
C LYS D 156 -14.62 54.21 18.11
N GLY D 157 -15.33 53.09 18.15
CA GLY D 157 -15.23 52.08 17.09
C GLY D 157 -16.00 52.52 15.84
N LYS D 158 -15.94 51.70 14.80
CA LYS D 158 -16.73 51.95 13.60
C LYS D 158 -18.22 52.12 13.88
N SER D 159 -18.73 51.40 14.87
CA SER D 159 -20.13 51.51 15.32
C SER D 159 -20.50 52.80 16.04
N GLY D 160 -19.51 53.60 16.43
CA GLY D 160 -19.78 54.82 17.19
C GLY D 160 -19.69 54.63 18.70
N PHE D 161 -19.55 53.37 19.13
CA PHE D 161 -19.41 53.10 20.57
C PHE D 161 -17.95 52.93 20.95
N LEU D 162 -17.62 53.23 22.20
CA LEU D 162 -16.26 53.06 22.69
C LEU D 162 -15.85 51.57 22.68
N VAL D 163 -14.67 51.31 22.12
CA VAL D 163 -14.04 49.99 22.19
C VAL D 163 -12.63 50.12 22.79
N TRP D 164 -12.17 49.03 23.41
CA TRP D 164 -10.81 48.94 23.90
C TRP D 164 -9.95 48.25 22.87
N ARG D 165 -8.86 48.91 22.50
CA ARG D 165 -7.99 48.49 21.40
C ARG D 165 -6.60 48.12 21.87
N TYR D 166 -6.03 47.07 21.31
CA TYR D 166 -4.71 46.62 21.77
C TYR D 166 -3.81 46.47 20.56
N LEU D 167 -2.62 47.08 20.59
CA LEU D 167 -1.60 46.80 19.58
C LEU D 167 -0.72 45.64 20.03
N LEU D 168 -0.74 44.56 19.25
CA LEU D 168 0.10 43.39 19.51
C LEU D 168 1.19 43.25 18.43
N ARG D 169 2.42 42.97 18.84
CA ARG D 169 3.55 42.78 17.94
C ARG D 169 4.14 41.44 18.17
N ARG D 170 4.56 40.84 17.08
CA ARG D 170 5.08 39.48 17.12
C ARG D 170 6.44 39.49 17.80
N ASP D 171 6.69 38.47 18.60
CA ASP D 171 7.95 38.36 19.29
C ASP D 171 8.21 36.87 19.47
N ASP D 172 8.56 36.22 18.36
CA ASP D 172 8.74 34.77 18.29
C ASP D 172 9.92 34.41 17.39
N ASP D 173 10.73 33.43 17.82
CA ASP D 173 11.88 32.92 17.06
C ASP D 173 11.48 32.14 15.81
N GLU D 174 10.35 31.45 15.90
CA GLU D 174 9.75 30.76 14.76
C GLU D 174 9.16 31.79 13.78
N PRO D 175 9.45 31.65 12.48
CA PRO D 175 8.93 32.60 11.49
C PRO D 175 7.43 32.45 11.27
N GLY D 176 6.78 33.58 10.97
CA GLY D 176 5.37 33.61 10.60
C GLY D 176 5.08 32.62 9.48
N PRO D 177 3.96 31.89 9.57
CA PRO D 177 3.67 30.86 8.58
C PRO D 177 3.35 31.40 7.20
N TRP D 178 3.17 32.70 7.07
CA TRP D 178 2.92 33.35 5.78
C TRP D 178 4.22 33.73 5.05
N THR D 179 5.33 33.65 5.76
CA THR D 179 6.62 34.01 5.17
C THR D 179 7.16 32.81 4.41
N LYS D 180 8.20 33.04 3.61
CA LYS D 180 8.80 31.97 2.82
C LYS D 180 9.37 30.91 3.75
N GLU D 181 10.10 31.37 4.76
CA GLU D 181 10.75 30.49 5.74
C GLU D 181 9.71 29.70 6.57
N GLY D 182 8.60 30.35 6.91
CA GLY D 182 7.50 29.69 7.61
C GLY D 182 6.87 28.64 6.73
N LYS D 183 6.64 29.00 5.47
CA LYS D 183 6.07 28.05 4.54
C LYS D 183 7.00 26.84 4.39
N ASP D 184 8.31 27.07 4.49
CA ASP D 184 9.33 26.02 4.46
C ASP D 184 9.23 25.07 5.64
N ARG D 185 9.17 25.63 6.85
CA ARG D 185 9.10 24.84 8.07
C ARG D 185 7.86 23.98 8.09
N ILE D 186 6.74 24.54 7.67
CA ILE D 186 5.48 23.84 7.62
C ILE D 186 5.60 22.67 6.65
N LYS D 187 6.16 22.93 5.48
CA LYS D 187 6.43 21.90 4.48
C LYS D 187 7.41 20.80 4.99
N LYS D 188 8.52 21.21 5.60
CA LYS D 188 9.49 20.27 6.18
C LYS D 188 8.91 19.44 7.34
N LEU D 189 8.15 20.07 8.24
CA LEU D 189 7.52 19.38 9.37
C LEU D 189 6.30 18.56 8.97
N GLY D 190 5.91 18.68 7.69
CA GLY D 190 4.72 18.04 7.16
C GLY D 190 3.46 18.38 7.93
N LEU D 191 3.31 19.65 8.32
CA LEU D 191 2.12 20.08 9.04
C LEU D 191 0.93 20.13 8.11
N THR D 192 -0.19 19.61 8.58
CA THR D 192 -1.38 19.53 7.75
C THR D 192 -2.65 19.74 8.59
N MET D 193 -3.70 20.23 7.93
CA MET D 193 -4.99 20.39 8.58
C MET D 193 -5.37 19.18 9.41
N GLN D 194 -5.67 19.42 10.69
CA GLN D 194 -6.16 18.39 11.61
C GLN D 194 -7.67 18.46 11.83
N TYR D 195 -8.32 17.31 11.66
CA TYR D 195 -9.75 17.17 11.83
C TYR D 195 -10.04 16.30 13.07
N PRO D 196 -11.20 16.53 13.72
CA PRO D 196 -11.57 15.66 14.86
C PRO D 196 -11.69 14.21 14.46
N GLU D 197 -11.46 13.30 15.41
CA GLU D 197 -11.69 11.87 15.20
C GLU D 197 -13.06 11.73 14.62
N GLY D 198 -13.14 11.04 13.48
CA GLY D 198 -14.43 10.65 12.95
C GLY D 198 -15.10 11.69 12.08
N TYR D 199 -14.58 12.92 12.12
CA TYR D 199 -15.14 14.00 11.32
C TYR D 199 -15.21 13.73 9.82
N LEU D 200 -14.12 13.26 9.24
CA LEU D 200 -14.05 13.00 7.79
C LEU D 200 -14.91 11.82 7.37
N GLU D 201 -14.93 10.78 8.22
CA GLU D 201 -15.79 9.63 7.97
C GLU D 201 -17.25 10.06 8.05
N ALA D 202 -17.60 10.85 9.05
CA ALA D 202 -18.96 11.41 9.18
C ALA D 202 -19.41 12.11 7.90
N LEU D 203 -18.54 12.98 7.38
CA LEU D 203 -18.78 13.65 6.10
C LEU D 203 -19.01 12.65 4.95
N ALA D 204 -18.13 11.65 4.84
CA ALA D 204 -18.26 10.65 3.76
C ALA D 204 -19.59 9.90 3.85
N ASN D 205 -20.03 9.61 5.08
CA ASN D 205 -21.32 8.97 5.38
C ASN D 205 -22.49 9.82 4.99
N ALA D 206 -22.47 11.09 5.43
CA ALA D 206 -23.48 12.05 5.04
C ALA D 206 -23.59 12.08 3.52
N HIS D 207 -22.44 12.08 2.85
CA HIS D 207 -22.42 12.14 1.39
C HIS D 207 -22.84 10.88 0.70
N HIS D 208 -22.61 9.73 1.33
CA HIS D 208 -23.06 8.46 0.77
C HIS D 208 -24.56 8.27 1.05
N HIS D 209 -25.04 8.88 2.12
CA HIS D 209 -26.49 9.04 2.34
C HIS D 209 -27.10 10.02 1.32
N HIS D 210 -26.40 10.23 0.21
CA HIS D 210 -26.98 10.89 -0.96
C HIS D 210 -27.33 9.80 -1.96
N HIS D 211 -28.48 9.18 -1.74
CA HIS D 211 -29.04 8.19 -2.63
C HIS D 211 -30.25 8.76 -3.35
N HIS D 212 -30.44 8.32 -4.59
CA HIS D 212 -31.52 8.83 -5.45
C HIS D 212 -32.62 7.79 -5.65
N1 5CM E 6 -19.47 -17.63 12.63
C2 5CM E 6 -18.08 -17.87 12.46
N3 5CM E 6 -17.63 -18.71 11.49
C4 5CM E 6 -18.49 -19.40 10.72
C5 5CM E 6 -19.97 -19.21 10.89
C5A 5CM E 6 -20.99 -19.95 10.06
C6 5CM E 6 -20.37 -18.31 11.88
O2 5CM E 6 -17.23 -17.26 13.14
N4 5CM E 6 -17.98 -20.25 9.78
C1' 5CM E 6 -19.89 -16.75 13.70
C2' 5CM E 6 -20.95 -15.64 13.43
C3' 5CM E 6 -21.70 -15.68 14.75
C4' 5CM E 6 -21.63 -17.09 15.27
O4' 5CM E 6 -20.49 -17.68 14.66
O3' 5CM E 6 -20.84 -15.06 15.69
C5' 5CM E 6 -22.87 -17.93 15.00
O5' 5CM E 6 -23.29 -17.77 13.66
P 5CM E 6 -24.25 -18.82 12.97
OP1 5CM E 6 -24.23 -18.59 11.47
OP2 5CM E 6 -23.93 -20.20 13.47
N1 5CM G 6 1.11 -11.98 -37.89
C2 5CM G 6 0.00 -12.86 -37.74
N3 5CM G 6 0.02 -13.86 -36.82
C4 5CM G 6 1.09 -14.10 -36.04
C5 5CM G 6 2.29 -13.20 -36.20
C5A 5CM G 6 3.54 -13.38 -35.39
C6 5CM G 6 2.23 -12.18 -37.15
O2 5CM G 6 -1.03 -12.71 -38.43
N4 5CM G 6 1.04 -15.13 -35.15
C1' 5CM G 6 1.05 -10.97 -38.95
C2' 5CM G 6 1.35 -9.47 -38.72
C3' 5CM G 6 2.00 -9.13 -40.06
C4' 5CM G 6 2.69 -10.36 -40.57
O4' 5CM G 6 2.03 -11.44 -39.92
O3' 5CM G 6 0.98 -9.08 -41.02
C5' 5CM G 6 4.20 -10.44 -40.37
O5' 5CM G 6 4.47 -10.38 -38.98
P 5CM G 6 5.84 -10.87 -38.36
OP1 5CM G 6 5.74 -10.70 -36.85
OP2 5CM G 6 6.17 -12.26 -38.90
N1 5CM I 6 20.32 -11.27 7.19
C2 5CM I 6 20.97 -10.51 6.21
N3 5CM I 6 21.56 -9.33 6.51
C4 5CM I 6 21.52 -8.84 7.76
C5 5CM I 6 20.85 -9.63 8.83
C5A 5CM I 6 20.75 -9.18 10.30
C6 5CM I 6 20.26 -10.83 8.47
O2 5CM I 6 20.99 -10.94 5.04
N4 5CM I 6 22.16 -7.66 8.01
C1' 5CM I 6 19.62 -12.50 6.76
C2' 5CM I 6 19.83 -13.85 7.48
C3' 5CM I 6 18.43 -14.45 7.29
C4' 5CM I 6 17.46 -13.29 7.32
O4' 5CM I 6 18.22 -12.15 6.95
O3' 5CM I 6 18.29 -14.82 5.93
C5' 5CM I 6 16.76 -13.07 8.67
O5' 5CM I 6 17.70 -12.61 9.62
P 5CM I 6 17.31 -12.00 11.03
OP1 5CM I 6 18.58 -11.83 11.80
OP2 5CM I 6 16.44 -10.82 10.77
N1 5CM K 6 -13.05 37.51 18.17
C2 5CM K 6 -12.36 38.24 17.19
N3 5CM K 6 -11.75 39.41 17.47
C4 5CM K 6 -11.78 39.92 18.73
C5 5CM K 6 -12.50 39.16 19.79
C5A 5CM K 6 -12.61 39.63 21.22
C6 5CM K 6 -13.11 37.99 19.42
O2 5CM K 6 -12.30 37.79 16.03
N4 5CM K 6 -11.14 41.09 18.95
C1' 5CM K 6 -13.73 36.28 17.76
C2' 5CM K 6 -13.53 34.97 18.50
C3' 5CM K 6 -14.90 34.33 18.30
C4' 5CM K 6 -15.90 35.45 18.32
O4' 5CM K 6 -15.15 36.59 17.92
O3' 5CM K 6 -15.06 33.92 16.94
C5' 5CM K 6 -16.59 35.67 19.66
O5' 5CM K 6 -15.66 36.24 20.56
P 5CM K 6 -16.02 36.75 22.01
OP1 5CM K 6 -14.74 36.86 22.77
OP2 5CM K 6 -16.89 37.99 21.84
#